data_4Q9I
#
_entry.id   4Q9I
#
_cell.length_a   85.642
_cell.length_b   138.398
_cell.length_c   183.712
_cell.angle_alpha   90.00
_cell.angle_beta   90.00
_cell.angle_gamma   90.00
#
_symmetry.space_group_name_H-M   'P 21 21 21'
#
loop_
_entity.id
_entity.type
_entity.pdbx_description
1 polymer 'Multidrug resistance protein 1A'
2 polymer '(30F)A(30F)A(30F)A Peptide'
#
loop_
_entity_poly.entity_id
_entity_poly.type
_entity_poly.pdbx_seq_one_letter_code
_entity_poly.pdbx_strand_id
1 'polypeptide(L)'
;MELEEDLKGRADKNFSKMGKKSKKEKKEKKPAVSVLTMFRYAGWLDRLYMLVGTLAAIIHGVALPLMMLIFGDMTDSFAS
VGQVSKQSTQMSEADKRAMFAKLEEEMTTYAYYYTGIGAGVLIVAYIQVSFWCLAAGRQIHKIRQKFFHAIMNQEIGWFD
VHDVGELNTRLTDDVSKINEGIGDKIGMFFQAMATFFGGFIIGFTRGWKLTLVILAISPVLGLSAGIWAKILSSFTDKEL
HAYAKAGAVAEEVLAAIRTVIAFGGQKKELERYNNNLEEAKRLGIKKAITANISMGAAFLLIYASYALAFWYGTSLVISK
EYSIGQVLTVFFSVLIGAFSVGQASPNIEAFANARGAAYEVFKIIDNKPSIDSFSKSGHKPDNIQGNLEFKNIHFSYPSR
KEVQILKGLNLKVKSGQTVALVGNSGCGKSTTVQLMQRLYDPLDGMVSIDGQDIRTINVRYLREIIGVVSQEPVLFATTI
AENIRYGREDVTMDEIEKAVKEANAYDFIMKLPHQFDTLVGERGAQLSGGQKQRIAIARALVRNPKILLLDEATSALDTE
SEAVVQAALDKAREGRTTIVIAHRLSTVRNADVIAGFDGGVIVEQGNHDELMREKGIYFKLVMTQTAGNEIELGNEACKS
KDEIDNLDMSSKDSGSSLIRRRSTRKSICGPHDQDRKLSTKEALDEDVPPASFWRILKLNSTEWPYFVVGIFCAIINGGL
QPAFSVIFSKVVGVFTNGGPPETQRQNSNLFSLLFLILGIISFITFFLQGFTFGKAGEILTKRLRYMVFKSMLRQDVSWF
DDPKNTTGALTTRLANDAAQVKGATGSRLAVIFQNIANLGTGIIISLIYGWQLTLLLLAIVPIIAIAGVVEMKMLSGQAL
KDKKELEGSGKIATEAIENFRTVVSLTREQKFETMYAQSLQIPYRNAMKKAHVFGITFSFTQAMMYFSYAACFRFGAYLV
TQQLMTFENVLLVFSAIVFGAMAVGQVSSFAPDYAKATVSASHIIRIIEKTPEIDSYSTQGLKPNMLEGNVQFSGVVFNY
PTRPSIPVLQGLSLEVKKGQTLALVGSSGCGKSTVVQLLERFYDPMAGSVFLDGKEIKQLNVQWLRAQLGIVSQEPILFD
CSIAENIAYGDNSRVVSYEEIVRAAKEANIHQFIDSLPDKYNTRVGDKGTQLSGGQKQRIAIARALVRQPHILLLDEATS
ALDTESEKVVQEALDKAREGRTCIVIAHRLSTIQNADLIVVIQNGKVKEHGTHQQLLAQKGIYFSMVSVQAGAKRSLEHH
HHHH
;
A
2 'polypeptide(L)' (30F)A(30F)A(30F)A B,C
#
# COMPACT_ATOMS: atom_id res chain seq x y z
N LYS A 30 0.64 8.35 20.44
CA LYS A 30 0.37 8.89 21.77
C LYS A 30 1.65 9.32 22.49
N PRO A 31 2.58 8.37 22.70
CA PRO A 31 3.81 8.74 23.43
C PRO A 31 4.70 9.68 22.62
N ALA A 32 5.38 10.58 23.31
CA ALA A 32 6.18 11.62 22.66
C ALA A 32 7.57 11.72 23.29
N VAL A 33 8.34 12.71 22.85
CA VAL A 33 9.74 12.86 23.25
C VAL A 33 10.06 14.30 23.66
N SER A 34 11.03 14.45 24.55
CA SER A 34 11.51 15.77 24.93
C SER A 34 12.19 16.43 23.74
N VAL A 35 12.21 17.76 23.74
CA VAL A 35 12.75 18.50 22.60
C VAL A 35 14.27 18.48 22.55
N LEU A 36 14.93 18.45 23.72
CA LEU A 36 16.39 18.47 23.76
C LEU A 36 17.00 17.10 23.48
N THR A 37 16.29 16.03 23.84
CA THR A 37 16.79 14.67 23.65
C THR A 37 16.85 14.30 22.18
N MET A 38 15.89 14.80 21.41
CA MET A 38 15.78 14.51 19.99
C MET A 38 17.00 15.01 19.21
N PHE A 39 17.56 16.13 19.65
CA PHE A 39 18.67 16.78 18.98
C PHE A 39 20.04 16.39 19.55
N ARG A 40 20.05 15.40 20.44
CA ARG A 40 21.26 15.03 21.17
C ARG A 40 22.47 14.76 20.26
N TYR A 41 22.19 14.41 18.99
CA TYR A 41 23.24 14.08 18.04
C TYR A 41 23.70 15.31 17.24
N ALA A 42 23.12 16.46 17.57
CA ALA A 42 23.57 17.73 16.99
C ALA A 42 24.47 18.45 17.97
N GLY A 43 25.72 18.67 17.57
CA GLY A 43 26.68 19.39 18.38
C GLY A 43 27.66 20.12 17.49
N TRP A 44 28.41 21.06 18.07
CA TRP A 44 29.36 21.85 17.30
C TRP A 44 28.65 22.55 16.13
N LEU A 45 29.01 22.17 14.92
CA LEU A 45 28.57 22.84 13.69
C LEU A 45 27.05 22.77 13.46
N ASP A 46 26.41 21.73 13.97
CA ASP A 46 24.98 21.54 13.74
C ASP A 46 24.16 22.65 14.38
N ARG A 47 24.41 22.88 15.67
CA ARG A 47 23.73 23.95 16.40
C ARG A 47 23.97 25.29 15.70
N LEU A 48 25.19 25.49 15.23
CA LEU A 48 25.56 26.70 14.51
C LEU A 48 24.73 26.84 13.24
N TYR A 49 24.70 25.78 12.43
CA TYR A 49 23.89 25.75 11.22
C TYR A 49 22.44 26.09 11.55
N MET A 50 21.92 25.47 12.60
CA MET A 50 20.54 25.71 12.99
C MET A 50 20.32 27.17 13.39
N LEU A 51 21.27 27.73 14.13
CA LEU A 51 21.18 29.13 14.55
C LEU A 51 21.23 30.09 13.36
N VAL A 52 22.29 29.99 12.56
CA VAL A 52 22.44 30.85 11.40
C VAL A 52 21.26 30.62 10.45
N GLY A 53 20.81 29.38 10.39
CA GLY A 53 19.72 28.99 9.52
C GLY A 53 18.42 29.64 9.94
N THR A 54 18.06 29.48 11.21
CA THR A 54 16.81 30.02 11.72
C THR A 54 16.86 31.56 11.72
N LEU A 55 18.05 32.11 11.97
CA LEU A 55 18.28 33.54 11.82
C LEU A 55 17.95 34.00 10.40
N ALA A 56 18.68 33.47 9.44
CA ALA A 56 18.45 33.77 8.02
C ALA A 56 16.99 33.52 7.65
N ALA A 57 16.39 32.49 8.24
CA ALA A 57 14.98 32.20 8.00
C ALA A 57 14.10 33.35 8.46
N ILE A 58 14.33 33.81 9.69
CA ILE A 58 13.56 34.92 10.24
C ILE A 58 13.76 36.18 9.39
N ILE A 59 14.98 36.38 8.91
CA ILE A 59 15.25 37.48 7.98
C ILE A 59 14.40 37.33 6.72
N HIS A 60 14.49 36.15 6.10
CA HIS A 60 13.70 35.85 4.93
C HIS A 60 12.22 36.12 5.20
N GLY A 61 11.77 35.77 6.40
CA GLY A 61 10.39 36.00 6.77
C GLY A 61 10.05 37.48 6.82
N VAL A 62 10.86 38.25 7.54
CA VAL A 62 10.64 39.70 7.64
C VAL A 62 10.72 40.38 6.27
N ALA A 63 11.53 39.82 5.38
CA ALA A 63 11.74 40.41 4.04
C ALA A 63 10.45 40.77 3.28
N LEU A 64 9.48 39.87 3.24
CA LEU A 64 8.29 40.07 2.41
C LEU A 64 7.44 41.26 2.84
N PRO A 65 7.01 41.30 4.11
CA PRO A 65 6.12 42.41 4.50
C PRO A 65 6.77 43.78 4.30
N LEU A 66 8.09 43.85 4.32
CA LEU A 66 8.80 45.09 4.04
C LEU A 66 8.59 45.47 2.58
N MET A 67 8.37 44.48 1.73
CA MET A 67 8.12 44.73 0.32
C MET A 67 6.80 45.46 0.17
N MET A 68 5.78 44.98 0.88
CA MET A 68 4.46 45.60 0.83
C MET A 68 4.46 46.97 1.50
N LEU A 69 5.48 47.21 2.33
CA LEU A 69 5.59 48.50 3.02
C LEU A 69 6.00 49.58 2.03
N ILE A 70 7.00 49.29 1.21
CA ILE A 70 7.46 50.21 0.18
C ILE A 70 6.37 50.44 -0.87
N PHE A 71 5.59 49.39 -1.13
CA PHE A 71 4.54 49.43 -2.14
C PHE A 71 3.55 50.56 -1.87
N GLY A 72 3.34 50.87 -0.59
CA GLY A 72 2.49 51.97 -0.22
C GLY A 72 3.17 53.30 -0.50
N ASP A 73 4.48 53.35 -0.29
CA ASP A 73 5.26 54.56 -0.53
C ASP A 73 5.27 54.89 -2.02
N MET A 74 5.24 53.87 -2.85
CA MET A 74 5.15 54.06 -4.29
C MET A 74 3.80 54.68 -4.64
N THR A 75 2.75 54.18 -4.01
CA THR A 75 1.41 54.69 -4.23
C THR A 75 1.34 56.18 -3.88
N ASP A 76 1.93 56.53 -2.74
CA ASP A 76 1.96 57.92 -2.29
C ASP A 76 2.66 58.82 -3.30
N SER A 77 3.71 58.31 -3.92
CA SER A 77 4.47 59.07 -4.91
C SER A 77 3.59 59.39 -6.12
N PHE A 78 2.95 58.37 -6.67
CA PHE A 78 2.04 58.56 -7.79
C PHE A 78 0.78 59.31 -7.34
N ALA A 79 0.41 59.14 -6.08
CA ALA A 79 -0.78 59.79 -5.54
C ALA A 79 -0.56 61.29 -5.41
N SER A 80 0.62 61.67 -4.93
CA SER A 80 0.96 63.08 -4.80
C SER A 80 0.94 63.77 -6.16
N VAL A 81 1.47 63.08 -7.16
CA VAL A 81 1.49 63.60 -8.53
C VAL A 81 0.13 63.40 -9.20
N GLY A 82 -0.55 62.32 -8.84
CA GLY A 82 -1.85 62.02 -9.40
C GLY A 82 -2.86 63.09 -9.06
N GLN A 83 -2.79 63.62 -7.85
CA GLN A 83 -3.69 64.68 -7.43
C GLN A 83 -3.32 66.01 -8.08
N VAL A 84 -2.03 66.35 -8.01
CA VAL A 84 -1.54 67.63 -8.53
C VAL A 84 -1.65 67.72 -10.05
N SER A 85 -1.42 66.59 -10.73
CA SER A 85 -1.49 66.56 -12.18
C SER A 85 -2.88 66.90 -12.68
N LYS A 86 -3.90 66.38 -12.00
CA LYS A 86 -5.29 66.61 -12.37
C LYS A 86 -5.82 67.92 -11.79
N GLN A 87 -5.11 68.47 -10.81
CA GLN A 87 -5.56 69.68 -10.12
C GLN A 87 -5.29 70.93 -10.94
N SER A 88 -4.42 70.83 -11.95
CA SER A 88 -4.01 71.99 -12.72
C SER A 88 -5.08 72.45 -13.69
N THR A 89 -5.27 71.68 -14.77
CA THR A 89 -6.21 72.03 -15.82
C THR A 89 -5.94 73.42 -16.38
N GLN A 90 -4.70 73.88 -16.23
CA GLN A 90 -4.28 75.18 -16.72
C GLN A 90 -2.97 75.06 -17.49
N MET A 91 -1.92 74.70 -16.76
CA MET A 91 -0.58 74.58 -17.32
C MET A 91 -0.24 73.10 -17.57
N SER A 92 0.50 72.85 -18.66
CA SER A 92 0.87 71.50 -19.06
C SER A 92 2.36 71.25 -18.85
N GLU A 93 3.19 72.00 -19.56
CA GLU A 93 4.65 71.84 -19.51
C GLU A 93 5.19 71.89 -18.08
N ALA A 94 4.57 72.72 -17.24
CA ALA A 94 5.01 72.88 -15.86
C ALA A 94 4.94 71.56 -15.10
N ASP A 95 3.99 70.71 -15.49
CA ASP A 95 3.83 69.41 -14.86
C ASP A 95 4.85 68.40 -15.36
N LYS A 96 5.61 68.78 -16.40
CA LYS A 96 6.62 67.89 -16.97
C LYS A 96 7.95 68.01 -16.25
N ARG A 97 8.00 68.87 -15.22
CA ARG A 97 9.25 69.19 -14.53
C ARG A 97 9.31 68.59 -13.12
N ALA A 98 8.48 69.09 -12.22
CA ALA A 98 8.49 68.66 -10.82
C ALA A 98 8.06 67.21 -10.67
N MET A 99 6.95 66.86 -11.32
CA MET A 99 6.37 65.53 -11.22
C MET A 99 7.38 64.46 -11.64
N PHE A 100 7.93 64.63 -12.85
CA PHE A 100 8.88 63.69 -13.41
C PHE A 100 10.13 63.54 -12.53
N ALA A 101 10.53 64.63 -11.88
CA ALA A 101 11.68 64.61 -10.98
C ALA A 101 11.36 63.81 -9.73
N LYS A 102 10.20 64.10 -9.14
CA LYS A 102 9.73 63.35 -7.98
C LYS A 102 9.68 61.86 -8.30
N LEU A 103 9.02 61.51 -9.41
CA LEU A 103 8.95 60.12 -9.83
C LEU A 103 10.35 59.57 -10.09
N GLU A 104 11.22 60.37 -10.72
CA GLU A 104 12.59 59.93 -10.97
C GLU A 104 13.23 59.48 -9.66
N GLU A 105 13.42 60.41 -8.73
CA GLU A 105 14.13 60.10 -7.49
C GLU A 105 13.42 59.00 -6.71
N GLU A 106 12.10 59.14 -6.57
CA GLU A 106 11.33 58.20 -5.77
C GLU A 106 11.36 56.79 -6.39
N MET A 107 10.96 56.67 -7.65
CA MET A 107 10.95 55.37 -8.32
C MET A 107 12.34 54.75 -8.32
N THR A 108 13.37 55.54 -8.59
CA THR A 108 14.74 55.02 -8.54
C THR A 108 15.06 54.49 -7.15
N THR A 109 14.71 55.24 -6.12
CA THR A 109 14.90 54.80 -4.74
C THR A 109 14.19 53.47 -4.47
N TYR A 110 12.90 53.42 -4.80
CA TYR A 110 12.10 52.23 -4.56
C TYR A 110 12.65 51.01 -5.31
N ALA A 111 13.00 51.21 -6.58
CA ALA A 111 13.56 50.14 -7.39
C ALA A 111 14.88 49.66 -6.78
N TYR A 112 15.72 50.61 -6.38
CA TYR A 112 16.97 50.31 -5.71
C TYR A 112 16.72 49.43 -4.48
N TYR A 113 15.76 49.85 -3.66
CA TYR A 113 15.39 49.06 -2.48
C TYR A 113 14.97 47.64 -2.87
N TYR A 114 14.01 47.53 -3.79
CA TYR A 114 13.54 46.22 -4.26
C TYR A 114 14.70 45.31 -4.68
N THR A 115 15.57 45.86 -5.52
CA THR A 115 16.78 45.16 -5.93
C THR A 115 17.57 44.76 -4.70
N GLY A 116 17.62 45.66 -3.73
CA GLY A 116 18.24 45.37 -2.44
C GLY A 116 17.61 44.18 -1.75
N ILE A 117 16.28 44.12 -1.74
CA ILE A 117 15.57 43.01 -1.10
C ILE A 117 15.90 41.69 -1.79
N GLY A 118 15.89 41.70 -3.13
CA GLY A 118 16.13 40.49 -3.91
C GLY A 118 17.39 39.71 -3.52
N ALA A 119 18.53 40.40 -3.49
CA ALA A 119 19.78 39.77 -3.09
C ALA A 119 19.64 39.19 -1.69
N GLY A 120 18.99 39.95 -0.82
CA GLY A 120 18.78 39.53 0.55
C GLY A 120 18.03 38.22 0.61
N VAL A 121 16.84 38.17 0.02
CA VAL A 121 16.03 36.97 0.06
C VAL A 121 16.78 35.81 -0.57
N LEU A 122 17.50 36.08 -1.66
CA LEU A 122 18.37 35.07 -2.27
C LEU A 122 19.30 34.43 -1.23
N ILE A 123 20.20 35.25 -0.68
CA ILE A 123 21.18 34.78 0.29
C ILE A 123 20.52 34.07 1.48
N VAL A 124 19.57 34.73 2.13
CA VAL A 124 18.99 34.17 3.34
C VAL A 124 18.22 32.87 3.05
N ALA A 125 17.57 32.82 1.89
CA ALA A 125 16.89 31.60 1.48
C ALA A 125 17.89 30.45 1.39
N TYR A 126 18.96 30.68 0.62
CA TYR A 126 19.99 29.66 0.47
C TYR A 126 20.52 29.21 1.83
N ILE A 127 20.97 30.17 2.63
CA ILE A 127 21.50 29.90 3.96
C ILE A 127 20.53 29.03 4.74
N GLN A 128 19.30 29.50 4.84
CA GLN A 128 18.23 28.80 5.54
C GLN A 128 18.15 27.33 5.14
N VAL A 129 17.73 27.09 3.90
CA VAL A 129 17.44 25.71 3.48
C VAL A 129 18.68 24.82 3.50
N SER A 130 19.80 25.37 3.03
CA SER A 130 21.05 24.62 3.01
C SER A 130 21.44 24.21 4.42
N PHE A 131 21.56 25.17 5.32
CA PHE A 131 21.99 24.88 6.69
C PHE A 131 21.07 23.88 7.36
N TRP A 132 19.76 24.10 7.28
CA TRP A 132 18.85 23.19 7.94
C TRP A 132 18.93 21.77 7.35
N CYS A 133 18.97 21.67 6.02
CA CYS A 133 19.13 20.35 5.40
C CYS A 133 20.42 19.66 5.82
N LEU A 134 21.51 20.44 5.87
CA LEU A 134 22.80 19.92 6.32
C LEU A 134 22.67 19.33 7.72
N ALA A 135 22.17 20.14 8.65
CA ALA A 135 21.96 19.69 10.03
C ALA A 135 21.17 18.39 10.04
N ALA A 136 20.05 18.39 9.34
CA ALA A 136 19.20 17.21 9.26
C ALA A 136 20.01 15.98 8.83
N GLY A 137 20.68 16.07 7.68
CA GLY A 137 21.45 14.94 7.17
C GLY A 137 22.49 14.46 8.18
N ARG A 138 23.32 15.40 8.62
CA ARG A 138 24.37 15.09 9.58
C ARG A 138 23.82 14.33 10.77
N GLN A 139 22.68 14.77 11.30
CA GLN A 139 22.05 14.06 12.41
C GLN A 139 21.54 12.66 12.02
N ILE A 140 20.69 12.62 10.98
CA ILE A 140 20.05 11.37 10.58
C ILE A 140 21.05 10.25 10.32
N HIS A 141 22.20 10.59 9.74
CA HIS A 141 23.25 9.60 9.56
C HIS A 141 23.58 8.90 10.89
N LYS A 142 23.92 9.73 11.88
CA LYS A 142 24.23 9.25 13.22
C LYS A 142 23.07 8.45 13.79
N ILE A 143 21.86 8.97 13.62
CA ILE A 143 20.66 8.28 14.08
C ILE A 143 20.63 6.85 13.55
N ARG A 144 20.76 6.71 12.23
CA ARG A 144 20.74 5.39 11.61
C ARG A 144 21.81 4.48 12.17
N GLN A 145 23.06 4.95 12.16
CA GLN A 145 24.15 4.12 12.66
C GLN A 145 23.89 3.66 14.10
N LYS A 146 23.65 4.62 14.99
CA LYS A 146 23.39 4.30 16.38
C LYS A 146 22.22 3.35 16.53
N PHE A 147 21.15 3.60 15.78
CA PHE A 147 19.94 2.78 15.86
C PHE A 147 20.24 1.34 15.48
N PHE A 148 20.84 1.14 14.32
CA PHE A 148 21.18 -0.22 13.88
C PHE A 148 22.09 -0.89 14.90
N HIS A 149 23.08 -0.16 15.40
CA HIS A 149 23.94 -0.69 16.45
C HIS A 149 23.11 -1.18 17.63
N ALA A 150 22.20 -0.33 18.09
CA ALA A 150 21.33 -0.68 19.20
C ALA A 150 20.50 -1.92 18.86
N ILE A 151 20.00 -2.00 17.63
CA ILE A 151 19.24 -3.17 17.18
C ILE A 151 20.12 -4.41 17.36
N MET A 152 21.34 -4.34 16.85
CA MET A 152 22.25 -5.48 16.94
C MET A 152 22.62 -5.78 18.40
N ASN A 153 22.65 -4.75 19.24
CA ASN A 153 23.06 -4.91 20.63
C ASN A 153 22.01 -5.57 21.54
N GLN A 154 20.80 -5.78 21.03
CA GLN A 154 19.75 -6.40 21.84
C GLN A 154 19.98 -7.89 22.07
N GLU A 155 19.67 -8.36 23.28
CA GLU A 155 19.74 -9.78 23.58
C GLU A 155 18.57 -10.50 22.93
N ILE A 156 18.70 -11.82 22.75
CA ILE A 156 17.72 -12.61 22.01
C ILE A 156 16.34 -12.57 22.64
N GLY A 157 16.29 -12.57 23.97
CA GLY A 157 15.03 -12.48 24.68
C GLY A 157 14.24 -11.26 24.24
N TRP A 158 14.97 -10.21 23.88
CA TRP A 158 14.34 -8.98 23.42
C TRP A 158 13.70 -9.20 22.05
N PHE A 159 14.35 -10.02 21.23
CA PHE A 159 13.82 -10.32 19.90
C PHE A 159 12.61 -11.23 20.02
N ASP A 160 12.71 -12.24 20.88
CA ASP A 160 11.66 -13.23 21.02
C ASP A 160 10.27 -12.63 21.21
N VAL A 161 10.21 -11.44 21.80
CA VAL A 161 8.94 -10.79 22.09
C VAL A 161 8.52 -9.75 21.05
N HIS A 162 9.34 -9.55 20.01
CA HIS A 162 9.12 -8.48 19.04
C HIS A 162 9.10 -8.95 17.59
N ASP A 163 8.30 -8.27 16.76
CA ASP A 163 8.23 -8.54 15.33
C ASP A 163 9.39 -7.86 14.61
N VAL A 164 10.19 -8.65 13.90
CA VAL A 164 11.37 -8.14 13.22
C VAL A 164 11.01 -7.27 12.01
N GLY A 165 9.99 -7.68 11.26
CA GLY A 165 9.56 -6.94 10.10
C GLY A 165 9.13 -5.54 10.50
N GLU A 166 8.28 -5.47 11.52
CA GLU A 166 7.81 -4.19 12.05
C GLU A 166 8.99 -3.33 12.49
N LEU A 167 10.00 -3.99 13.05
CA LEU A 167 11.18 -3.31 13.57
C LEU A 167 12.05 -2.72 12.45
N ASN A 168 12.27 -3.51 11.41
CA ASN A 168 13.04 -3.01 10.26
C ASN A 168 12.27 -1.90 9.54
N THR A 169 11.01 -2.16 9.24
CA THR A 169 10.17 -1.15 8.60
C THR A 169 10.12 0.08 9.50
N ARG A 170 10.10 -0.15 10.81
CA ARG A 170 10.15 0.94 11.78
C ARG A 170 11.43 1.73 11.59
N LEU A 171 12.56 1.04 11.49
CA LEU A 171 13.83 1.71 11.19
C LEU A 171 13.66 2.62 9.97
N THR A 172 13.46 1.99 8.82
CA THR A 172 13.47 2.69 7.55
C THR A 172 12.47 3.84 7.48
N ASP A 173 11.26 3.63 7.98
CA ASP A 173 10.22 4.66 7.95
C ASP A 173 10.39 5.74 9.02
N ASP A 174 10.59 5.31 10.27
CA ASP A 174 10.66 6.27 11.36
C ASP A 174 11.84 7.20 11.21
N VAL A 175 12.99 6.66 10.79
CA VAL A 175 14.13 7.54 10.61
C VAL A 175 13.80 8.59 9.53
N SER A 176 13.03 8.19 8.53
CA SER A 176 12.62 9.13 7.48
C SER A 176 11.69 10.20 8.03
N LYS A 177 10.73 9.79 8.87
CA LYS A 177 9.88 10.77 9.55
C LYS A 177 10.74 11.76 10.34
N ILE A 178 11.66 11.24 11.14
CA ILE A 178 12.59 12.07 11.89
C ILE A 178 13.30 13.03 10.93
N ASN A 179 13.74 12.50 9.79
CA ASN A 179 14.39 13.34 8.78
C ASN A 179 13.48 14.47 8.33
N GLU A 180 12.22 14.15 8.05
CA GLU A 180 11.25 15.16 7.65
C GLU A 180 11.06 16.22 8.75
N GLY A 181 11.10 15.76 10.00
CA GLY A 181 10.92 16.65 11.15
C GLY A 181 11.99 17.71 11.39
N ILE A 182 13.25 17.28 11.42
CA ILE A 182 14.37 18.17 11.73
C ILE A 182 14.90 18.85 10.47
N GLY A 183 14.21 18.64 9.36
CA GLY A 183 14.64 19.18 8.08
C GLY A 183 14.35 20.66 7.93
N ASP A 184 14.34 21.11 6.68
CA ASP A 184 14.14 22.52 6.38
C ASP A 184 12.76 23.03 6.81
N LYS A 185 11.88 22.12 7.20
CA LYS A 185 10.54 22.47 7.64
C LYS A 185 10.57 23.50 8.78
N ILE A 186 11.57 23.38 9.65
CA ILE A 186 11.71 24.29 10.78
C ILE A 186 11.96 25.70 10.27
N GLY A 187 12.87 25.84 9.30
CA GLY A 187 13.18 27.11 8.70
C GLY A 187 11.92 27.76 8.14
N MET A 188 11.12 26.96 7.46
CA MET A 188 9.85 27.42 6.92
C MET A 188 8.93 27.89 8.04
N PHE A 189 8.84 27.09 9.09
CA PHE A 189 8.03 27.46 10.25
C PHE A 189 8.41 28.82 10.80
N PHE A 190 9.68 28.99 11.14
CA PHE A 190 10.15 30.25 11.70
C PHE A 190 9.97 31.41 10.72
N GLN A 191 10.29 31.16 9.45
CA GLN A 191 10.06 32.14 8.40
C GLN A 191 8.60 32.60 8.39
N ALA A 192 7.69 31.63 8.50
CA ALA A 192 6.27 31.93 8.53
C ALA A 192 5.93 32.77 9.76
N MET A 193 6.40 32.33 10.92
CA MET A 193 6.19 33.09 12.16
C MET A 193 6.74 34.52 12.00
N ALA A 194 7.84 34.63 11.27
CA ALA A 194 8.46 35.94 11.05
C ALA A 194 7.60 36.82 10.14
N THR A 195 7.08 36.26 9.05
CA THR A 195 6.13 36.99 8.21
C THR A 195 4.90 37.41 9.01
N PHE A 196 4.47 36.51 9.90
CA PHE A 196 3.31 36.76 10.76
C PHE A 196 3.56 37.97 11.67
N PHE A 197 4.61 37.89 12.49
CA PHE A 197 4.95 38.98 13.39
C PHE A 197 5.22 40.27 12.61
N GLY A 198 6.15 40.21 11.67
CA GLY A 198 6.52 41.38 10.89
C GLY A 198 5.32 42.03 10.20
N GLY A 199 4.50 41.20 9.57
CA GLY A 199 3.29 41.65 8.92
C GLY A 199 2.37 42.39 9.89
N PHE A 200 2.10 41.76 11.04
CA PHE A 200 1.24 42.40 12.02
C PHE A 200 1.90 43.62 12.69
N ILE A 201 3.23 43.62 12.76
CA ILE A 201 3.95 44.77 13.31
C ILE A 201 3.76 45.97 12.41
N ILE A 202 4.10 45.81 11.13
CA ILE A 202 3.94 46.88 10.16
C ILE A 202 2.47 47.27 10.09
N GLY A 203 1.60 46.27 10.11
CA GLY A 203 0.17 46.50 10.06
C GLY A 203 -0.27 47.42 11.18
N PHE A 204 0.05 47.05 12.42
CA PHE A 204 -0.34 47.85 13.58
C PHE A 204 0.32 49.23 13.55
N THR A 205 1.62 49.27 13.30
CA THR A 205 2.36 50.52 13.38
C THR A 205 1.92 51.53 12.31
N ARG A 206 1.59 51.05 11.11
CA ARG A 206 1.10 51.95 10.07
C ARG A 206 -0.28 52.48 10.44
N GLY A 207 -1.12 51.63 11.03
CA GLY A 207 -2.34 52.09 11.67
C GLY A 207 -3.00 51.01 12.48
N TRP A 208 -3.72 51.38 13.54
CA TRP A 208 -4.35 50.41 14.42
C TRP A 208 -5.74 49.95 13.95
N LYS A 209 -6.50 50.82 13.30
CA LYS A 209 -7.89 50.54 12.98
C LYS A 209 -8.05 49.42 11.94
N LEU A 210 -7.45 49.58 10.77
CA LEU A 210 -7.61 48.63 9.67
C LEU A 210 -7.16 47.23 10.08
N THR A 211 -6.18 47.16 10.97
CA THR A 211 -5.70 45.88 11.46
C THR A 211 -6.78 45.16 12.26
N LEU A 212 -7.39 45.89 13.20
CA LEU A 212 -8.44 45.33 14.04
C LEU A 212 -9.65 44.95 13.20
N VAL A 213 -10.02 45.84 12.28
CA VAL A 213 -11.09 45.53 11.34
C VAL A 213 -10.75 44.23 10.62
N ILE A 214 -9.55 44.16 10.05
CA ILE A 214 -9.11 42.93 9.40
C ILE A 214 -9.02 41.78 10.40
N LEU A 215 -8.79 42.10 11.67
CA LEU A 215 -8.76 41.07 12.69
C LEU A 215 -10.18 40.63 13.04
N ALA A 216 -11.16 41.46 12.71
CA ALA A 216 -12.54 40.99 12.69
C ALA A 216 -12.75 40.14 11.44
N ILE A 217 -12.17 40.57 10.32
CA ILE A 217 -12.18 39.77 9.10
C ILE A 217 -11.44 38.43 9.25
N SER A 218 -10.39 38.40 10.07
CA SER A 218 -9.52 37.23 10.16
C SER A 218 -10.26 35.94 10.50
N PRO A 219 -11.06 35.95 11.58
CA PRO A 219 -11.82 34.73 11.89
C PRO A 219 -12.79 34.38 10.77
N VAL A 220 -13.53 35.37 10.25
CA VAL A 220 -14.52 35.14 9.21
C VAL A 220 -13.93 34.37 8.03
N LEU A 221 -12.85 34.90 7.45
CA LEU A 221 -12.23 34.30 6.28
C LEU A 221 -11.57 32.98 6.64
N GLY A 222 -10.84 32.97 7.76
CA GLY A 222 -10.16 31.78 8.21
C GLY A 222 -11.08 30.59 8.36
N LEU A 223 -12.32 30.85 8.76
CA LEU A 223 -13.32 29.79 8.90
C LEU A 223 -13.76 29.27 7.53
N SER A 224 -13.71 30.13 6.53
CA SER A 224 -14.18 29.76 5.19
C SER A 224 -13.15 28.92 4.43
N ALA A 225 -11.89 29.36 4.45
CA ALA A 225 -10.85 28.75 3.63
C ALA A 225 -10.52 27.32 4.06
N GLY A 226 -10.48 27.09 5.37
CA GLY A 226 -10.17 25.78 5.90
C GLY A 226 -11.20 24.74 5.50
N ILE A 227 -12.46 25.15 5.48
CA ILE A 227 -13.54 24.26 5.06
C ILE A 227 -13.41 23.94 3.58
N TRP A 228 -13.08 24.96 2.78
CA TRP A 228 -12.90 24.76 1.33
C TRP A 228 -11.87 23.68 1.03
N ALA A 229 -10.76 23.70 1.75
CA ALA A 229 -9.68 22.75 1.51
C ALA A 229 -10.11 21.33 1.84
N LYS A 230 -10.94 21.21 2.88
CA LYS A 230 -11.45 19.91 3.30
C LYS A 230 -12.35 19.30 2.23
N ILE A 231 -13.09 20.16 1.54
CA ILE A 231 -14.00 19.73 0.49
C ILE A 231 -13.25 19.20 -0.75
N LEU A 232 -12.08 19.78 -1.02
CA LEU A 232 -11.28 19.43 -2.19
C LEU A 232 -10.64 18.05 -2.08
N SER A 233 -10.35 17.63 -0.85
CA SER A 233 -9.50 16.47 -0.60
C SER A 233 -10.27 15.15 -0.66
N SER A 234 -11.53 15.21 -1.04
CA SER A 234 -12.43 14.06 -0.99
C SER A 234 -12.01 12.83 -1.82
N PHE A 235 -11.02 12.98 -2.70
CA PHE A 235 -10.70 11.92 -3.66
C PHE A 235 -10.06 10.68 -3.02
N THR A 236 -9.41 10.83 -1.86
CA THR A 236 -8.83 9.69 -1.16
C THR A 236 -9.98 8.77 -0.78
N ASP A 237 -9.71 7.48 -0.54
CA ASP A 237 -10.83 6.58 -0.38
C ASP A 237 -11.25 6.48 1.09
N LYS A 238 -12.27 7.25 1.41
CA LYS A 238 -13.23 6.94 2.46
C LYS A 238 -14.52 6.51 1.76
N GLU A 239 -14.46 6.48 0.43
CA GLU A 239 -15.64 6.39 -0.42
C GLU A 239 -16.49 5.15 -0.19
N LEU A 240 -15.92 4.17 0.50
CA LEU A 240 -16.60 2.89 0.70
C LEU A 240 -17.97 3.00 1.38
N HIS A 241 -18.11 3.96 2.29
CA HIS A 241 -19.34 4.07 3.07
C HIS A 241 -20.57 4.20 2.18
N ALA A 242 -20.47 5.02 1.13
CA ALA A 242 -21.57 5.20 0.20
C ALA A 242 -21.65 4.08 -0.85
N TYR A 243 -20.49 3.69 -1.39
CA TYR A 243 -20.42 2.78 -2.53
C TYR A 243 -20.57 1.30 -2.19
N ALA A 244 -20.02 0.89 -1.04
CA ALA A 244 -19.75 -0.52 -0.75
C ALA A 244 -20.97 -1.42 -0.94
N LYS A 245 -22.16 -0.84 -0.89
CA LYS A 245 -23.38 -1.60 -1.11
C LYS A 245 -23.34 -2.33 -2.44
N ALA A 246 -22.77 -1.68 -3.46
CA ALA A 246 -22.65 -2.30 -4.77
C ALA A 246 -21.49 -3.29 -4.76
N GLY A 247 -20.41 -2.90 -4.09
CA GLY A 247 -19.23 -3.74 -3.98
C GLY A 247 -19.54 -5.07 -3.34
N ALA A 248 -20.50 -5.09 -2.43
CA ALA A 248 -20.92 -6.33 -1.78
C ALA A 248 -21.58 -7.26 -2.78
N VAL A 249 -22.48 -6.73 -3.58
CA VAL A 249 -23.12 -7.49 -4.65
C VAL A 249 -22.06 -8.01 -5.59
N ALA A 250 -21.19 -7.12 -6.05
CA ALA A 250 -20.14 -7.47 -6.99
C ALA A 250 -19.25 -8.59 -6.44
N GLU A 251 -18.89 -8.50 -5.17
CA GLU A 251 -17.98 -9.47 -4.58
C GLU A 251 -18.62 -10.86 -4.45
N GLU A 252 -19.85 -10.92 -3.94
CA GLU A 252 -20.51 -12.21 -3.76
C GLU A 252 -20.79 -12.84 -5.11
N VAL A 253 -21.11 -12.00 -6.10
CA VAL A 253 -21.34 -12.47 -7.47
C VAL A 253 -20.06 -13.07 -8.04
N LEU A 254 -19.00 -12.28 -8.10
CA LEU A 254 -17.75 -12.74 -8.69
C LEU A 254 -17.12 -13.87 -7.86
N ALA A 255 -17.53 -13.99 -6.61
CA ALA A 255 -17.12 -15.12 -5.77
C ALA A 255 -17.92 -16.35 -6.15
N ALA A 256 -19.16 -16.11 -6.53
CA ALA A 256 -20.10 -17.18 -6.89
C ALA A 256 -20.10 -17.43 -8.39
N ILE A 257 -19.16 -16.80 -9.10
CA ILE A 257 -19.21 -16.68 -10.57
C ILE A 257 -19.60 -17.98 -11.27
N ARG A 258 -19.08 -19.10 -10.79
CA ARG A 258 -19.35 -20.39 -11.42
C ARG A 258 -20.81 -20.78 -11.24
N THR A 259 -21.39 -20.38 -10.11
CA THR A 259 -22.78 -20.71 -9.83
C THR A 259 -23.71 -19.85 -10.68
N VAL A 260 -23.45 -18.54 -10.73
CA VAL A 260 -24.23 -17.64 -11.57
C VAL A 260 -24.05 -18.00 -13.05
N ILE A 261 -22.85 -18.48 -13.40
CA ILE A 261 -22.58 -18.97 -14.76
C ILE A 261 -23.42 -20.21 -15.03
N ALA A 262 -23.35 -21.17 -14.11
CA ALA A 262 -24.08 -22.41 -14.25
C ALA A 262 -25.57 -22.14 -14.40
N PHE A 263 -26.11 -21.29 -13.52
CA PHE A 263 -27.53 -20.99 -13.54
C PHE A 263 -27.86 -19.82 -14.46
N GLY A 264 -26.83 -19.27 -15.11
CA GLY A 264 -27.00 -18.24 -16.11
C GLY A 264 -27.81 -17.03 -15.66
N GLY A 265 -27.64 -16.64 -14.40
CA GLY A 265 -28.39 -15.54 -13.84
C GLY A 265 -27.70 -14.21 -14.04
N GLN A 266 -26.82 -14.14 -15.04
CA GLN A 266 -26.01 -12.96 -15.28
C GLN A 266 -26.83 -11.67 -15.44
N LYS A 267 -27.92 -11.73 -16.19
CA LYS A 267 -28.77 -10.56 -16.39
C LYS A 267 -29.24 -10.00 -15.06
N LYS A 268 -29.62 -10.89 -14.14
CA LYS A 268 -30.10 -10.50 -12.83
C LYS A 268 -29.03 -9.79 -12.02
N GLU A 269 -27.85 -10.43 -11.92
CA GLU A 269 -26.75 -9.84 -11.16
C GLU A 269 -26.38 -8.48 -11.73
N LEU A 270 -26.27 -8.40 -13.05
CA LEU A 270 -26.02 -7.13 -13.71
C LEU A 270 -27.10 -6.12 -13.36
N GLU A 271 -28.37 -6.55 -13.37
CA GLU A 271 -29.47 -5.66 -12.98
C GLU A 271 -29.27 -5.12 -11.56
N ARG A 272 -29.04 -6.02 -10.60
CA ARG A 272 -28.82 -5.60 -9.22
C ARG A 272 -27.69 -4.57 -9.12
N TYR A 273 -26.55 -4.93 -9.68
CA TYR A 273 -25.41 -4.03 -9.69
C TYR A 273 -25.79 -2.68 -10.31
N ASN A 274 -26.54 -2.73 -11.41
CA ASN A 274 -27.00 -1.52 -12.08
C ASN A 274 -27.87 -0.66 -11.16
N ASN A 275 -28.77 -1.30 -10.42
CA ASN A 275 -29.61 -0.59 -9.46
C ASN A 275 -28.78 0.09 -8.35
N ASN A 276 -27.86 -0.66 -7.78
CA ASN A 276 -26.97 -0.10 -6.76
C ASN A 276 -26.19 1.10 -7.32
N LEU A 277 -25.66 0.96 -8.53
CA LEU A 277 -25.02 2.09 -9.21
C LEU A 277 -25.99 3.26 -9.34
N GLU A 278 -27.22 2.95 -9.75
CA GLU A 278 -28.26 3.96 -9.90
C GLU A 278 -28.42 4.78 -8.63
N GLU A 279 -28.48 4.11 -7.48
CA GLU A 279 -28.50 4.81 -6.19
C GLU A 279 -27.23 5.64 -5.95
N ALA A 280 -26.08 5.00 -6.18
CA ALA A 280 -24.78 5.63 -5.97
C ALA A 280 -24.68 6.97 -6.71
N LYS A 281 -25.06 7.00 -7.98
CA LYS A 281 -24.96 8.21 -8.78
C LYS A 281 -25.83 9.33 -8.18
N ARG A 282 -27.01 8.98 -7.69
CA ARG A 282 -27.90 9.96 -7.07
C ARG A 282 -27.25 10.56 -5.82
N LEU A 283 -26.73 9.69 -4.95
CA LEU A 283 -26.01 10.18 -3.78
C LEU A 283 -24.85 11.07 -4.21
N GLY A 284 -24.19 10.66 -5.30
CA GLY A 284 -23.10 11.44 -5.88
C GLY A 284 -23.51 12.85 -6.28
N ILE A 285 -24.54 12.97 -7.10
CA ILE A 285 -25.00 14.28 -7.56
C ILE A 285 -25.43 15.13 -6.36
N LYS A 286 -26.07 14.51 -5.38
CA LYS A 286 -26.40 15.25 -4.14
C LYS A 286 -25.13 15.83 -3.51
N LYS A 287 -24.14 14.99 -3.29
CA LYS A 287 -22.87 15.44 -2.73
C LYS A 287 -22.26 16.56 -3.57
N ALA A 288 -22.34 16.41 -4.90
CA ALA A 288 -21.84 17.42 -5.81
C ALA A 288 -22.51 18.77 -5.58
N ILE A 289 -23.85 18.76 -5.56
CA ILE A 289 -24.63 19.96 -5.30
C ILE A 289 -24.18 20.63 -4.00
N THR A 290 -24.20 19.87 -2.91
CA THR A 290 -23.84 20.43 -1.61
C THR A 290 -22.42 20.99 -1.59
N ALA A 291 -21.46 20.20 -2.07
CA ALA A 291 -20.06 20.62 -2.10
C ALA A 291 -19.86 21.89 -2.92
N ASN A 292 -20.48 21.94 -4.10
CA ASN A 292 -20.39 23.12 -4.95
C ASN A 292 -20.99 24.35 -4.28
N ILE A 293 -22.18 24.20 -3.70
CA ILE A 293 -22.78 25.28 -2.92
C ILE A 293 -21.81 25.76 -1.85
N SER A 294 -21.24 24.83 -1.10
CA SER A 294 -20.29 25.17 -0.04
C SER A 294 -19.12 26.00 -0.57
N MET A 295 -18.43 25.46 -1.58
CA MET A 295 -17.29 26.16 -2.16
C MET A 295 -17.69 27.56 -2.63
N GLY A 296 -18.79 27.65 -3.36
CA GLY A 296 -19.30 28.94 -3.82
C GLY A 296 -19.51 29.92 -2.67
N ALA A 297 -20.21 29.48 -1.64
CA ALA A 297 -20.46 30.31 -0.47
C ALA A 297 -19.15 30.78 0.17
N ALA A 298 -18.20 29.87 0.32
CA ALA A 298 -16.88 30.23 0.85
C ALA A 298 -16.26 31.35 0.02
N PHE A 299 -16.20 31.14 -1.29
CA PHE A 299 -15.69 32.15 -2.20
C PHE A 299 -16.40 33.48 -2.01
N LEU A 300 -17.73 33.44 -1.86
CA LEU A 300 -18.50 34.66 -1.61
C LEU A 300 -18.06 35.35 -0.33
N LEU A 301 -17.95 34.60 0.76
CA LEU A 301 -17.52 35.18 2.03
C LEU A 301 -16.15 35.86 1.89
N ILE A 302 -15.23 35.15 1.24
CA ILE A 302 -13.91 35.71 0.98
C ILE A 302 -14.04 37.04 0.21
N TYR A 303 -14.77 37.01 -0.91
CA TYR A 303 -15.01 38.21 -1.72
C TYR A 303 -15.55 39.36 -0.87
N ALA A 304 -16.65 39.08 -0.18
CA ALA A 304 -17.38 40.09 0.58
C ALA A 304 -16.50 40.73 1.64
N SER A 305 -15.83 39.91 2.44
CA SER A 305 -14.95 40.44 3.47
C SER A 305 -13.82 41.25 2.85
N TYR A 306 -13.17 40.66 1.85
CA TYR A 306 -12.07 41.30 1.14
C TYR A 306 -12.46 42.69 0.64
N ALA A 307 -13.65 42.80 0.05
CA ALA A 307 -14.15 44.08 -0.45
C ALA A 307 -14.54 45.02 0.68
N LEU A 308 -15.22 44.47 1.68
CA LEU A 308 -15.73 45.26 2.81
C LEU A 308 -14.60 45.99 3.52
N ALA A 309 -13.55 45.24 3.86
CA ALA A 309 -12.39 45.84 4.52
C ALA A 309 -11.86 47.02 3.72
N PHE A 310 -11.78 46.82 2.41
CA PHE A 310 -11.26 47.86 1.51
C PHE A 310 -12.20 49.05 1.43
N TRP A 311 -13.51 48.79 1.45
CA TRP A 311 -14.48 49.88 1.47
C TRP A 311 -14.30 50.72 2.73
N TYR A 312 -14.16 50.04 3.87
CA TYR A 312 -13.89 50.75 5.12
C TYR A 312 -12.58 51.52 5.00
N GLY A 313 -11.60 50.91 4.35
CA GLY A 313 -10.36 51.60 4.06
C GLY A 313 -10.59 52.90 3.33
N THR A 314 -11.29 52.85 2.20
CA THR A 314 -11.63 54.05 1.46
C THR A 314 -12.38 55.04 2.35
N SER A 315 -13.32 54.52 3.15
CA SER A 315 -14.07 55.35 4.08
C SER A 315 -13.13 56.05 5.05
N LEU A 316 -12.02 55.38 5.39
CA LEU A 316 -10.99 56.03 6.20
C LEU A 316 -10.10 56.99 5.39
N VAL A 317 -9.86 56.69 4.13
CA VAL A 317 -9.04 57.62 3.32
C VAL A 317 -9.76 58.94 3.07
N ILE A 318 -11.06 58.88 2.79
CA ILE A 318 -11.83 60.09 2.49
C ILE A 318 -11.83 61.05 3.69
N SER A 319 -11.64 60.49 4.88
CA SER A 319 -11.58 61.29 6.10
C SER A 319 -10.17 61.87 6.27
N LYS A 320 -9.29 61.54 5.34
CA LYS A 320 -7.89 61.99 5.38
C LYS A 320 -7.19 61.50 6.65
N GLU A 321 -7.71 60.42 7.23
CA GLU A 321 -7.08 59.81 8.39
C GLU A 321 -5.92 58.92 7.95
N TYR A 322 -6.09 58.27 6.80
CA TYR A 322 -5.07 57.42 6.21
C TYR A 322 -4.71 57.88 4.81
N SER A 323 -3.48 57.61 4.40
CA SER A 323 -3.07 57.78 3.01
C SER A 323 -3.54 56.57 2.20
N ILE A 324 -3.81 56.79 0.91
CA ILE A 324 -4.34 55.73 0.07
C ILE A 324 -3.39 54.53 -0.01
N GLY A 325 -2.09 54.80 0.05
CA GLY A 325 -1.09 53.75 -0.01
C GLY A 325 -0.97 52.98 1.30
N GLN A 326 -1.09 53.71 2.40
CA GLN A 326 -1.03 53.11 3.73
C GLN A 326 -2.08 52.01 3.86
N VAL A 327 -3.28 52.29 3.38
CA VAL A 327 -4.36 51.31 3.38
C VAL A 327 -3.88 50.02 2.75
N LEU A 328 -3.31 50.13 1.55
CA LEU A 328 -2.77 48.98 0.86
C LEU A 328 -1.74 48.29 1.75
N THR A 329 -0.77 49.05 2.22
CA THR A 329 0.30 48.50 3.03
C THR A 329 -0.23 47.68 4.19
N VAL A 330 -1.08 48.27 5.03
CA VAL A 330 -1.58 47.54 6.19
C VAL A 330 -2.47 46.38 5.77
N PHE A 331 -3.32 46.59 4.77
CA PHE A 331 -4.23 45.56 4.31
C PHE A 331 -3.44 44.31 3.93
N PHE A 332 -2.50 44.49 3.00
CA PHE A 332 -1.74 43.37 2.49
C PHE A 332 -0.79 42.79 3.53
N SER A 333 -0.13 43.66 4.30
CA SER A 333 0.75 43.19 5.36
C SER A 333 0.00 42.32 6.37
N VAL A 334 -1.17 42.79 6.79
CA VAL A 334 -1.96 42.06 7.77
C VAL A 334 -2.48 40.74 7.18
N LEU A 335 -3.06 40.78 5.98
CA LEU A 335 -3.56 39.55 5.36
C LEU A 335 -2.42 38.54 5.18
N ILE A 336 -1.27 39.02 4.73
CA ILE A 336 -0.08 38.19 4.66
C ILE A 336 0.15 37.54 6.01
N GLY A 337 0.25 38.39 7.03
CA GLY A 337 0.45 37.93 8.39
C GLY A 337 -0.61 36.92 8.82
N ALA A 338 -1.82 37.11 8.33
CA ALA A 338 -2.91 36.22 8.67
C ALA A 338 -2.71 34.83 8.06
N PHE A 339 -2.48 34.76 6.75
CA PHE A 339 -2.35 33.46 6.08
C PHE A 339 -1.05 32.75 6.42
N SER A 340 -0.04 33.51 6.83
CA SER A 340 1.21 32.92 7.31
C SER A 340 0.95 31.81 8.33
N VAL A 341 0.01 32.05 9.23
CA VAL A 341 -0.40 31.05 10.22
C VAL A 341 -0.87 29.77 9.54
N GLY A 342 -1.84 29.95 8.64
CA GLY A 342 -2.40 28.84 7.88
C GLY A 342 -1.35 28.03 7.19
N GLN A 343 -0.40 28.69 6.53
CA GLN A 343 0.69 27.95 5.88
C GLN A 343 1.82 27.58 6.85
N ALA A 344 1.79 28.14 8.05
CA ALA A 344 2.75 27.76 9.09
C ALA A 344 2.38 26.44 9.76
N SER A 345 1.09 26.26 10.02
CA SER A 345 0.59 25.10 10.77
C SER A 345 1.14 23.73 10.37
N PRO A 346 1.21 23.43 9.05
CA PRO A 346 1.63 22.09 8.63
C PRO A 346 3.02 21.69 9.09
N ASN A 347 3.93 22.65 9.27
CA ASN A 347 5.27 22.35 9.73
C ASN A 347 5.31 21.96 11.20
N ILE A 348 4.32 22.43 11.96
CA ILE A 348 4.19 22.02 13.35
C ILE A 348 3.96 20.52 13.40
N GLU A 349 2.99 20.06 12.63
CA GLU A 349 2.65 18.65 12.58
C GLU A 349 3.84 17.83 12.11
N ALA A 350 4.68 18.43 11.28
CA ALA A 350 5.87 17.75 10.77
C ALA A 350 6.84 17.50 11.92
N PHE A 351 7.14 18.55 12.67
CA PHE A 351 8.01 18.42 13.83
C PHE A 351 7.34 17.57 14.90
N ALA A 352 6.02 17.68 15.00
CA ALA A 352 5.26 16.94 15.99
C ALA A 352 5.38 15.44 15.77
N ASN A 353 5.08 15.00 14.55
CA ASN A 353 5.16 13.59 14.21
C ASN A 353 6.57 13.03 14.40
N ALA A 354 7.56 13.89 14.20
CA ALA A 354 8.96 13.47 14.26
C ALA A 354 9.37 13.11 15.69
N ARG A 355 8.86 13.84 16.67
CA ARG A 355 9.15 13.52 18.05
C ARG A 355 8.58 12.15 18.38
N GLY A 356 7.30 11.96 18.09
CA GLY A 356 6.61 10.71 18.37
C GLY A 356 7.30 9.52 17.72
N ALA A 357 7.85 9.74 16.53
CA ALA A 357 8.57 8.68 15.82
C ALA A 357 9.92 8.44 16.48
N ALA A 358 10.55 9.52 16.93
CA ALA A 358 11.86 9.42 17.55
C ALA A 358 11.79 8.70 18.90
N TYR A 359 10.59 8.63 19.47
CA TYR A 359 10.40 8.01 20.78
C TYR A 359 10.81 6.54 20.76
N GLU A 360 10.16 5.78 19.90
CA GLU A 360 10.37 4.35 19.85
C GLU A 360 11.77 4.03 19.32
N VAL A 361 12.31 4.94 18.50
CA VAL A 361 13.66 4.80 17.99
C VAL A 361 14.68 4.91 19.10
N PHE A 362 14.64 6.03 19.83
CA PHE A 362 15.60 6.28 20.90
C PHE A 362 15.44 5.27 22.04
N LYS A 363 14.23 4.72 22.18
CA LYS A 363 13.96 3.75 23.22
C LYS A 363 14.91 2.58 23.09
N ILE A 364 15.18 2.18 21.85
CA ILE A 364 16.06 1.04 21.59
C ILE A 364 17.51 1.45 21.77
N ILE A 365 17.84 2.66 21.33
CA ILE A 365 19.20 3.15 21.45
C ILE A 365 19.56 3.36 22.92
N ASP A 366 18.62 3.89 23.70
CA ASP A 366 18.86 4.15 25.11
C ASP A 366 18.82 2.87 25.93
N ASN A 367 18.15 1.84 25.41
CA ASN A 367 18.04 0.58 26.12
C ASN A 367 19.39 -0.11 26.26
N LYS A 368 19.75 -0.39 27.52
CA LYS A 368 20.99 -1.09 27.84
C LYS A 368 20.66 -2.50 28.31
N PRO A 369 21.15 -3.52 27.60
CA PRO A 369 20.75 -4.88 27.97
C PRO A 369 21.58 -5.45 29.11
N SER A 370 21.20 -6.63 29.59
CA SER A 370 21.96 -7.31 30.62
C SER A 370 23.14 -8.03 29.99
N ILE A 371 22.90 -8.67 28.85
CA ILE A 371 23.89 -9.51 28.20
C ILE A 371 24.93 -8.73 27.38
N ASP A 372 24.51 -7.62 26.77
CA ASP A 372 25.42 -6.85 25.91
C ASP A 372 25.95 -7.76 24.79
N SER A 373 27.24 -8.11 24.85
CA SER A 373 27.99 -8.80 23.78
C SER A 373 28.68 -7.80 22.85
N PHE A 374 28.38 -6.53 23.01
CA PHE A 374 29.22 -5.47 22.46
C PHE A 374 30.17 -4.94 23.52
N SER A 375 30.04 -5.49 24.73
CA SER A 375 30.85 -5.07 25.87
C SER A 375 32.20 -5.76 25.87
N LYS A 376 33.25 -5.06 26.27
CA LYS A 376 34.51 -5.69 26.59
C LYS A 376 34.62 -5.78 28.10
N SER A 377 34.37 -6.95 28.64
CA SER A 377 34.43 -7.15 30.08
C SER A 377 34.48 -8.64 30.40
N GLY A 378 34.91 -8.98 31.61
CA GLY A 378 34.90 -10.37 32.05
C GLY A 378 36.14 -11.12 31.63
N HIS A 379 36.24 -12.36 32.08
CA HIS A 379 37.45 -13.15 31.85
C HIS A 379 37.46 -13.80 30.46
N LYS A 380 38.66 -13.93 29.90
CA LYS A 380 38.87 -14.62 28.63
C LYS A 380 39.84 -15.78 28.85
N PRO A 381 39.34 -16.90 29.39
CA PRO A 381 40.22 -17.98 29.86
C PRO A 381 41.05 -18.63 28.75
N ASP A 382 42.23 -19.10 29.11
CA ASP A 382 43.13 -19.76 28.17
C ASP A 382 43.23 -21.24 28.51
N ASN A 383 43.52 -22.06 27.50
CA ASN A 383 43.64 -23.49 27.68
C ASN A 383 42.37 -24.10 28.28
N ILE A 384 41.24 -23.84 27.62
CA ILE A 384 39.97 -24.38 28.08
C ILE A 384 39.92 -25.87 27.76
N GLN A 385 39.77 -26.70 28.79
CA GLN A 385 39.71 -28.14 28.61
C GLN A 385 38.31 -28.55 28.16
N GLY A 386 37.35 -27.67 28.40
CA GLY A 386 35.97 -27.94 28.03
C GLY A 386 35.26 -28.89 28.97
N ASN A 387 35.41 -28.64 30.27
CA ASN A 387 34.60 -29.34 31.26
C ASN A 387 33.37 -28.50 31.55
N LEU A 388 32.21 -28.99 31.10
CA LEU A 388 30.98 -28.24 31.24
C LEU A 388 30.06 -28.90 32.25
N GLU A 389 29.37 -28.10 33.06
CA GLU A 389 28.34 -28.63 33.93
C GLU A 389 27.13 -27.70 34.06
N PHE A 390 25.95 -28.30 33.98
CA PHE A 390 24.70 -27.62 34.24
C PHE A 390 24.21 -28.02 35.63
N LYS A 391 24.12 -27.05 36.53
CA LYS A 391 23.75 -27.31 37.93
C LYS A 391 22.41 -26.70 38.30
N ASN A 392 21.43 -27.56 38.58
CA ASN A 392 20.13 -27.13 39.10
C ASN A 392 19.52 -25.99 38.29
N ILE A 393 19.46 -26.15 36.97
CA ILE A 393 19.00 -25.07 36.11
C ILE A 393 17.50 -25.11 35.90
N HIS A 394 16.81 -24.10 36.41
CA HIS A 394 15.40 -23.86 36.09
C HIS A 394 15.35 -22.77 35.05
N PHE A 395 14.49 -22.93 34.04
CA PHE A 395 14.42 -21.95 32.96
C PHE A 395 13.04 -21.90 32.32
N SER A 396 12.72 -20.76 31.74
CA SER A 396 11.58 -20.64 30.84
C SER A 396 11.88 -19.56 29.82
N TYR A 397 11.47 -19.78 28.58
CA TYR A 397 11.62 -18.77 27.54
C TYR A 397 10.65 -17.63 27.81
N PRO A 398 10.83 -16.49 27.14
CA PRO A 398 9.89 -15.41 27.44
C PRO A 398 8.48 -15.61 26.89
N SER A 399 7.94 -16.81 27.09
CA SER A 399 6.49 -17.01 27.21
C SER A 399 6.17 -16.99 28.70
N ARG A 400 7.23 -17.02 29.50
CA ARG A 400 7.17 -16.83 30.95
C ARG A 400 6.25 -17.85 31.64
N LYS A 401 5.46 -17.38 32.60
CA LYS A 401 4.75 -18.26 33.54
C LYS A 401 3.80 -19.23 32.86
N GLU A 402 3.44 -18.95 31.62
CA GLU A 402 2.54 -19.81 30.87
C GLU A 402 3.10 -21.23 30.77
N VAL A 403 4.41 -21.33 30.54
CA VAL A 403 5.08 -22.62 30.50
C VAL A 403 6.49 -22.55 31.08
N GLN A 404 6.82 -23.51 31.93
CA GLN A 404 8.19 -23.70 32.40
C GLN A 404 8.69 -25.03 31.86
N ILE A 405 9.60 -24.99 30.89
CA ILE A 405 10.00 -26.18 30.15
C ILE A 405 11.02 -27.04 30.91
N LEU A 406 11.93 -26.36 31.61
CA LEU A 406 13.00 -27.05 32.34
C LEU A 406 12.77 -26.94 33.85
N LYS A 407 12.40 -28.05 34.49
CA LYS A 407 12.20 -28.07 35.92
C LYS A 407 13.41 -28.71 36.59
N GLY A 408 14.27 -27.88 37.18
CA GLY A 408 15.52 -28.35 37.73
C GLY A 408 16.39 -28.87 36.60
N LEU A 409 17.61 -29.29 36.93
CA LEU A 409 18.45 -30.06 36.00
C LEU A 409 19.75 -30.40 36.70
N ASN A 410 20.38 -31.49 36.27
CA ASN A 410 21.76 -31.77 36.60
C ASN A 410 22.44 -32.43 35.41
N LEU A 411 23.53 -31.86 34.93
CA LEU A 411 24.30 -32.53 33.89
C LEU A 411 25.77 -32.14 33.93
N LYS A 412 26.62 -33.12 33.64
CA LYS A 412 28.05 -32.86 33.47
C LYS A 412 28.48 -33.46 32.14
N VAL A 413 29.49 -32.87 31.53
CA VAL A 413 30.15 -33.49 30.39
C VAL A 413 31.65 -33.27 30.53
N LYS A 414 32.40 -34.37 30.46
CA LYS A 414 33.83 -34.35 30.70
C LYS A 414 34.59 -33.76 29.52
N SER A 415 35.77 -33.21 29.79
CA SER A 415 36.59 -32.64 28.73
C SER A 415 36.98 -33.70 27.71
N GLY A 416 36.77 -33.38 26.44
CA GLY A 416 37.11 -34.30 25.36
C GLY A 416 36.01 -35.30 25.07
N GLN A 417 35.07 -35.45 26.00
CA GLN A 417 33.96 -36.37 25.79
C GLN A 417 32.96 -35.78 24.80
N THR A 418 31.95 -36.57 24.48
CA THR A 418 30.82 -36.10 23.70
C THR A 418 29.53 -36.66 24.29
N VAL A 419 28.62 -35.78 24.68
CA VAL A 419 27.37 -36.20 25.29
C VAL A 419 26.23 -36.05 24.29
N ALA A 420 25.31 -37.00 24.31
CA ALA A 420 24.14 -36.98 23.44
C ALA A 420 22.86 -36.85 24.26
N LEU A 421 22.05 -35.85 23.93
CA LEU A 421 20.79 -35.63 24.63
C LEU A 421 19.61 -36.20 23.83
N VAL A 422 18.76 -36.96 24.51
CA VAL A 422 17.58 -37.56 23.89
C VAL A 422 16.32 -37.19 24.67
N GLY A 423 15.19 -37.10 23.97
CA GLY A 423 13.94 -36.76 24.60
C GLY A 423 12.76 -37.02 23.68
N ASN A 424 11.58 -37.20 24.27
CA ASN A 424 10.38 -37.48 23.49
C ASN A 424 9.79 -36.24 22.85
N SER A 425 9.69 -35.16 23.62
CA SER A 425 9.13 -33.90 23.11
C SER A 425 9.49 -32.73 24.01
N GLY A 426 9.01 -31.54 23.64
CA GLY A 426 9.25 -30.34 24.41
C GLY A 426 10.52 -29.62 23.98
N CYS A 427 11.43 -30.37 23.36
CA CYS A 427 12.73 -29.84 22.92
C CYS A 427 13.43 -29.12 24.07
N GLY A 428 13.34 -29.69 25.27
CA GLY A 428 14.13 -29.22 26.39
C GLY A 428 15.59 -29.53 26.14
N LYS A 429 15.82 -30.45 25.21
CA LYS A 429 17.17 -30.78 24.74
C LYS A 429 17.85 -29.53 24.20
N SER A 430 17.17 -28.87 23.27
CA SER A 430 17.71 -27.67 22.61
C SER A 430 17.97 -26.55 23.61
N THR A 431 17.22 -26.56 24.71
CA THR A 431 17.33 -25.51 25.71
C THR A 431 18.74 -25.42 26.27
N THR A 432 19.37 -26.57 26.46
CA THR A 432 20.74 -26.60 26.99
C THR A 432 21.70 -25.91 26.01
N VAL A 433 21.59 -26.26 24.74
CA VAL A 433 22.39 -25.63 23.70
C VAL A 433 22.06 -24.14 23.64
N GLN A 434 20.80 -23.81 23.92
CA GLN A 434 20.37 -22.44 23.97
C GLN A 434 21.10 -21.68 25.09
N LEU A 435 21.09 -22.27 26.28
CA LEU A 435 21.68 -21.65 27.46
C LEU A 435 23.21 -21.64 27.40
N MET A 436 23.79 -22.66 26.79
CA MET A 436 25.24 -22.82 26.79
C MET A 436 25.95 -21.71 26.02
N GLN A 437 25.22 -21.07 25.10
CA GLN A 437 25.72 -19.90 24.39
C GLN A 437 25.40 -18.63 25.17
N ARG A 438 24.72 -18.80 26.31
CA ARG A 438 24.23 -17.68 27.10
C ARG A 438 23.40 -16.75 26.23
N LEU A 439 22.48 -17.32 25.46
CA LEU A 439 21.48 -16.54 24.76
C LEU A 439 20.47 -16.06 25.80
N TYR A 440 20.09 -16.96 26.70
CA TYR A 440 19.31 -16.63 27.88
C TYR A 440 20.11 -16.98 29.13
N ASP A 441 19.98 -16.17 30.17
CA ASP A 441 20.47 -16.56 31.47
C ASP A 441 19.36 -17.32 32.18
N PRO A 442 19.70 -18.41 32.89
CA PRO A 442 18.68 -19.27 33.47
C PRO A 442 17.93 -18.59 34.62
N LEU A 443 16.69 -19.03 34.87
CA LEU A 443 15.90 -18.47 35.96
C LEU A 443 16.64 -18.70 37.28
N ASP A 444 16.93 -19.96 37.56
CA ASP A 444 17.74 -20.33 38.71
C ASP A 444 18.74 -21.40 38.27
N GLY A 445 19.88 -21.46 38.95
CA GLY A 445 20.93 -22.40 38.61
C GLY A 445 22.07 -21.73 37.87
N MET A 446 23.07 -22.52 37.49
CA MET A 446 24.23 -21.98 36.78
C MET A 446 24.75 -22.98 35.76
N VAL A 447 25.16 -22.45 34.60
CA VAL A 447 25.88 -23.24 33.61
C VAL A 447 27.36 -22.87 33.72
N SER A 448 28.21 -23.88 33.87
CA SER A 448 29.63 -23.66 34.13
C SER A 448 30.53 -24.33 33.11
N ILE A 449 31.22 -23.51 32.33
CA ILE A 449 32.25 -23.97 31.41
C ILE A 449 33.58 -24.02 32.16
N ASP A 450 34.22 -25.17 32.13
CA ASP A 450 35.41 -25.38 32.95
C ASP A 450 35.02 -25.17 34.42
N GLY A 451 35.80 -24.39 35.17
CA GLY A 451 35.50 -24.13 36.56
C GLY A 451 34.68 -22.87 36.80
N GLN A 452 34.67 -21.96 35.83
CA GLN A 452 34.07 -20.64 36.01
C GLN A 452 32.63 -20.56 35.53
N ASP A 453 31.83 -19.79 36.26
CA ASP A 453 30.49 -19.44 35.84
C ASP A 453 30.55 -18.81 34.45
N ILE A 454 29.62 -19.21 33.57
CA ILE A 454 29.62 -18.73 32.20
C ILE A 454 29.45 -17.22 32.13
N ARG A 455 28.89 -16.64 33.18
CA ARG A 455 28.54 -15.24 33.18
C ARG A 455 29.73 -14.35 33.54
N THR A 456 30.78 -14.96 34.08
CA THR A 456 31.97 -14.20 34.44
C THR A 456 32.84 -13.92 33.21
N ILE A 457 32.75 -14.80 32.21
CA ILE A 457 33.57 -14.69 31.01
C ILE A 457 32.91 -13.83 29.96
N ASN A 458 33.74 -13.08 29.22
CA ASN A 458 33.27 -12.17 28.19
C ASN A 458 32.35 -12.88 27.23
N VAL A 459 31.26 -12.21 26.84
CA VAL A 459 30.28 -12.83 25.97
C VAL A 459 30.89 -13.17 24.62
N ARG A 460 31.44 -12.18 23.93
CA ARG A 460 32.03 -12.40 22.61
C ARG A 460 33.02 -13.56 22.62
N TYR A 461 33.89 -13.58 23.63
CA TYR A 461 34.88 -14.64 23.75
C TYR A 461 34.21 -15.99 23.96
N LEU A 462 33.19 -16.01 24.83
CA LEU A 462 32.40 -17.22 25.05
C LEU A 462 31.83 -17.71 23.71
N ARG A 463 31.24 -16.79 22.96
CA ARG A 463 30.64 -17.13 21.67
C ARG A 463 31.70 -17.62 20.70
N GLU A 464 32.90 -17.03 20.78
CA GLU A 464 33.99 -17.41 19.89
C GLU A 464 34.65 -18.73 20.27
N ILE A 465 34.64 -19.09 21.55
CA ILE A 465 35.18 -20.40 21.95
C ILE A 465 34.16 -21.53 21.76
N ILE A 466 32.94 -21.17 21.36
CA ILE A 466 31.90 -22.17 21.11
C ILE A 466 31.47 -22.17 19.64
N GLY A 467 31.67 -23.30 18.98
CA GLY A 467 31.18 -23.51 17.63
C GLY A 467 29.77 -24.07 17.65
N VAL A 468 28.98 -23.77 16.62
CA VAL A 468 27.58 -24.18 16.57
C VAL A 468 27.16 -24.64 15.18
N VAL A 469 26.40 -25.75 15.14
CA VAL A 469 25.83 -26.27 13.91
C VAL A 469 24.34 -26.52 14.15
N SER A 470 23.50 -25.91 13.31
CA SER A 470 22.05 -25.89 13.54
C SER A 470 21.30 -26.69 12.50
N GLN A 471 20.09 -27.14 12.86
CA GLN A 471 19.26 -27.96 11.98
C GLN A 471 19.09 -27.32 10.61
N GLU A 472 18.60 -26.09 10.59
CA GLU A 472 18.47 -25.35 9.35
C GLU A 472 19.69 -24.44 9.17
N PRO A 473 20.60 -24.81 8.25
CA PRO A 473 21.75 -23.92 8.04
C PRO A 473 21.38 -22.72 7.20
N VAL A 474 21.99 -21.57 7.48
CA VAL A 474 21.76 -20.36 6.71
C VAL A 474 23.07 -19.90 6.08
N LEU A 475 22.97 -19.38 4.86
CA LEU A 475 24.12 -18.83 4.16
C LEU A 475 23.82 -17.42 3.68
N PHE A 476 24.57 -16.46 4.21
CA PHE A 476 24.46 -15.07 3.81
C PHE A 476 24.91 -14.94 2.35
N ALA A 477 24.48 -13.89 1.66
CA ALA A 477 24.74 -13.83 0.23
C ALA A 477 26.05 -13.11 -0.10
N THR A 478 27.03 -13.92 -0.44
CA THR A 478 28.40 -13.50 -0.74
C THR A 478 29.03 -14.74 -1.35
N THR A 479 30.32 -14.67 -1.65
CA THR A 479 31.01 -15.86 -2.13
C THR A 479 31.13 -16.87 -1.00
N ILE A 480 31.36 -18.13 -1.36
CA ILE A 480 31.52 -19.19 -0.35
C ILE A 480 32.63 -18.82 0.62
N ALA A 481 33.72 -18.26 0.08
CA ALA A 481 34.88 -17.85 0.87
C ALA A 481 34.45 -16.91 1.99
N GLU A 482 33.65 -15.92 1.64
CA GLU A 482 33.16 -14.95 2.60
C GLU A 482 32.35 -15.64 3.69
N ASN A 483 31.43 -16.51 3.30
CA ASN A 483 30.63 -17.26 4.27
C ASN A 483 31.50 -18.08 5.21
N ILE A 484 32.55 -18.68 4.64
CA ILE A 484 33.56 -19.36 5.45
C ILE A 484 34.36 -18.30 6.22
N ARG A 485 34.42 -17.09 5.65
CA ARG A 485 35.16 -15.99 6.27
C ARG A 485 34.35 -15.36 7.42
N TYR A 486 33.04 -15.55 7.41
CA TYR A 486 32.23 -15.19 8.56
C TYR A 486 32.54 -16.05 9.78
N GLY A 487 33.35 -17.08 9.62
CA GLY A 487 33.90 -17.78 10.78
C GLY A 487 34.93 -16.92 11.49
N ARG A 488 35.89 -16.41 10.72
CA ARG A 488 36.88 -15.45 11.23
C ARG A 488 37.20 -14.43 10.15
N GLU A 489 37.23 -13.16 10.51
CA GLU A 489 37.49 -12.08 9.55
C GLU A 489 38.87 -12.23 8.91
N ASP A 490 39.86 -12.61 9.72
CA ASP A 490 41.21 -12.83 9.21
C ASP A 490 41.42 -14.29 8.89
N VAL A 491 41.52 -14.60 7.59
CA VAL A 491 41.73 -15.96 7.15
C VAL A 491 42.26 -15.93 5.71
N THR A 492 42.92 -17.01 5.29
CA THR A 492 43.43 -17.13 3.92
C THR A 492 42.78 -18.33 3.24
N MET A 493 42.73 -18.29 1.91
CA MET A 493 42.07 -19.33 1.12
C MET A 493 42.60 -20.72 1.46
N ASP A 494 43.82 -20.77 1.99
CA ASP A 494 44.40 -22.01 2.46
C ASP A 494 43.57 -22.60 3.60
N GLU A 495 43.27 -21.76 4.59
CA GLU A 495 42.47 -22.18 5.73
C GLU A 495 41.05 -22.54 5.31
N ILE A 496 40.51 -21.77 4.36
CA ILE A 496 39.19 -22.09 3.80
C ILE A 496 39.25 -23.48 3.18
N GLU A 497 40.28 -23.70 2.37
CA GLU A 497 40.47 -24.97 1.68
C GLU A 497 40.55 -26.12 2.68
N LYS A 498 41.44 -25.99 3.67
CA LYS A 498 41.58 -27.03 4.67
C LYS A 498 40.29 -27.21 5.45
N ALA A 499 39.59 -26.10 5.71
CA ALA A 499 38.35 -26.13 6.48
C ALA A 499 37.26 -26.91 5.75
N VAL A 500 37.04 -26.58 4.47
CA VAL A 500 36.02 -27.28 3.68
C VAL A 500 36.47 -28.70 3.37
N LYS A 501 37.77 -28.89 3.16
CA LYS A 501 38.31 -30.21 2.87
C LYS A 501 38.19 -31.11 4.09
N GLU A 502 38.35 -30.53 5.27
CA GLU A 502 38.20 -31.27 6.52
C GLU A 502 36.71 -31.54 6.79
N ALA A 503 35.85 -30.76 6.16
CA ALA A 503 34.42 -30.99 6.20
C ALA A 503 33.97 -31.85 5.01
N ASN A 504 34.93 -32.23 4.17
CA ASN A 504 34.66 -33.03 2.98
C ASN A 504 33.67 -32.35 2.04
N ALA A 505 33.63 -31.02 2.11
CA ALA A 505 32.78 -30.23 1.21
C ALA A 505 33.55 -29.74 0.00
N TYR A 506 34.85 -30.04 -0.04
CA TYR A 506 35.75 -29.52 -1.07
C TYR A 506 35.36 -29.96 -2.49
N ASP A 507 35.12 -31.25 -2.64
CA ASP A 507 34.75 -31.83 -3.93
C ASP A 507 33.52 -31.14 -4.51
N PHE A 508 32.41 -31.28 -3.80
CA PHE A 508 31.11 -30.76 -4.24
C PHE A 508 31.16 -29.29 -4.66
N ILE A 509 31.90 -28.47 -3.91
CA ILE A 509 32.00 -27.04 -4.25
C ILE A 509 32.99 -26.82 -5.39
N MET A 510 34.07 -27.60 -5.43
CA MET A 510 35.06 -27.41 -6.48
C MET A 510 34.48 -27.79 -7.83
N LYS A 511 33.63 -28.80 -7.86
CA LYS A 511 32.93 -29.17 -9.09
C LYS A 511 32.07 -28.01 -9.57
N LEU A 512 31.57 -27.22 -8.61
CA LEU A 512 30.74 -26.06 -8.92
C LEU A 512 31.57 -25.02 -9.69
N PRO A 513 30.93 -24.26 -10.60
CA PRO A 513 31.66 -23.20 -11.30
C PRO A 513 32.06 -22.05 -10.39
N HIS A 514 33.00 -21.22 -10.84
CA HIS A 514 33.48 -20.05 -10.11
C HIS A 514 34.33 -20.41 -8.88
N GLN A 515 34.45 -21.70 -8.59
CA GLN A 515 35.24 -22.17 -7.45
C GLN A 515 34.70 -21.56 -6.14
N PHE A 516 35.59 -21.05 -5.30
CA PHE A 516 35.19 -20.44 -4.03
C PHE A 516 34.34 -19.18 -4.22
N ASP A 517 34.33 -18.63 -5.44
CA ASP A 517 33.70 -17.34 -5.69
C ASP A 517 32.22 -17.49 -6.05
N THR A 518 31.70 -18.71 -5.99
CA THR A 518 30.32 -18.99 -6.33
C THR A 518 29.36 -18.28 -5.37
N LEU A 519 28.16 -17.97 -5.86
CA LEU A 519 27.17 -17.23 -5.08
C LEU A 519 26.24 -18.16 -4.31
N VAL A 520 25.82 -17.73 -3.11
CA VAL A 520 24.84 -18.46 -2.31
C VAL A 520 23.83 -17.50 -1.70
N GLY A 521 22.67 -18.00 -1.29
CA GLY A 521 21.69 -17.18 -0.61
C GLY A 521 20.25 -17.60 -0.89
N GLU A 522 19.32 -16.72 -0.56
CA GLU A 522 17.90 -16.95 -0.86
C GLU A 522 17.66 -16.85 -2.36
N ARG A 523 18.32 -15.89 -2.99
CA ARG A 523 18.20 -15.66 -4.41
C ARG A 523 19.45 -16.14 -5.16
N GLY A 524 19.28 -17.19 -5.96
CA GLY A 524 20.33 -17.70 -6.80
C GLY A 524 21.11 -18.82 -6.17
N ALA A 525 21.56 -19.76 -7.02
CA ALA A 525 22.42 -20.86 -6.59
C ALA A 525 21.87 -21.62 -5.39
N GLN A 526 20.62 -22.07 -5.48
CA GLN A 526 20.03 -22.86 -4.42
C GLN A 526 20.61 -24.26 -4.43
N LEU A 527 21.18 -24.68 -3.30
CA LEU A 527 21.95 -25.93 -3.24
C LEU A 527 21.28 -26.99 -2.37
N SER A 528 21.91 -28.16 -2.31
CA SER A 528 21.42 -29.26 -1.47
C SER A 528 21.59 -28.91 -0.01
N GLY A 529 20.67 -29.40 0.82
CA GLY A 529 20.69 -29.12 2.25
C GLY A 529 21.97 -29.58 2.91
N GLY A 530 22.41 -30.79 2.55
CA GLY A 530 23.62 -31.37 3.12
C GLY A 530 24.85 -30.56 2.78
N GLN A 531 24.88 -30.03 1.56
CA GLN A 531 26.00 -29.20 1.13
C GLN A 531 26.05 -27.91 1.94
N LYS A 532 24.89 -27.28 2.10
CA LYS A 532 24.77 -26.07 2.90
C LYS A 532 25.18 -26.34 4.34
N GLN A 533 24.74 -27.49 4.86
CA GLN A 533 25.10 -27.93 6.19
C GLN A 533 26.61 -28.10 6.30
N ARG A 534 27.21 -28.70 5.27
CA ARG A 534 28.65 -28.90 5.26
C ARG A 534 29.39 -27.57 5.23
N ILE A 535 28.93 -26.65 4.39
CA ILE A 535 29.49 -25.30 4.35
C ILE A 535 29.39 -24.68 5.74
N ALA A 536 28.23 -24.84 6.38
CA ALA A 536 28.04 -24.35 7.73
C ALA A 536 29.06 -24.99 8.68
N ILE A 537 29.25 -26.30 8.56
CA ILE A 537 30.20 -27.00 9.41
C ILE A 537 31.61 -26.48 9.17
N ALA A 538 31.92 -26.17 7.91
CA ALA A 538 33.23 -25.60 7.58
C ALA A 538 33.38 -24.24 8.26
N ARG A 539 32.37 -23.40 8.09
CA ARG A 539 32.34 -22.09 8.73
C ARG A 539 32.55 -22.24 10.22
N ALA A 540 31.88 -23.23 10.81
CA ALA A 540 32.03 -23.52 12.23
C ALA A 540 33.42 -24.04 12.53
N LEU A 541 33.97 -24.78 11.59
CA LEU A 541 35.29 -25.39 11.76
C LEU A 541 36.42 -24.37 11.72
N VAL A 542 36.28 -23.34 10.88
CA VAL A 542 37.25 -22.25 10.84
C VAL A 542 37.31 -21.54 12.19
N ARG A 543 36.20 -21.59 12.93
CA ARG A 543 36.10 -20.97 14.24
C ARG A 543 37.08 -21.62 15.23
N ASN A 544 37.59 -22.80 14.89
CA ASN A 544 38.47 -23.60 15.75
C ASN A 544 38.05 -23.58 17.22
N PRO A 545 36.78 -23.92 17.48
CA PRO A 545 36.20 -23.84 18.83
C PRO A 545 36.68 -24.94 19.77
N LYS A 546 36.70 -24.65 21.07
CA LYS A 546 36.97 -25.66 22.08
C LYS A 546 35.70 -26.45 22.39
N ILE A 547 34.56 -25.77 22.26
CA ILE A 547 33.25 -26.35 22.55
C ILE A 547 32.43 -26.43 21.27
N LEU A 548 31.75 -27.56 21.07
CA LEU A 548 30.95 -27.79 19.88
C LEU A 548 29.52 -28.17 20.24
N LEU A 549 28.56 -27.46 19.65
CA LEU A 549 27.14 -27.72 19.90
C LEU A 549 26.42 -28.06 18.60
N LEU A 550 25.96 -29.31 18.53
CA LEU A 550 25.29 -29.82 17.34
C LEU A 550 23.82 -30.13 17.65
N ASP A 551 22.91 -29.36 17.07
CA ASP A 551 21.48 -29.56 17.31
C ASP A 551 20.76 -29.99 16.03
N GLU A 552 20.40 -31.27 15.98
CA GLU A 552 19.59 -31.85 14.90
C GLU A 552 20.09 -31.45 13.52
N ALA A 553 21.41 -31.33 13.38
CA ALA A 553 22.01 -30.95 12.10
C ALA A 553 21.89 -32.10 11.10
N THR A 554 21.89 -33.33 11.61
CA THR A 554 21.71 -34.51 10.78
C THR A 554 20.23 -34.68 10.42
N SER A 555 19.36 -34.22 11.31
CA SER A 555 17.92 -34.35 11.11
C SER A 555 17.43 -33.41 10.01
N ALA A 556 16.25 -33.72 9.47
CA ALA A 556 15.65 -32.94 8.40
C ALA A 556 16.55 -32.90 7.18
N LEU A 557 17.06 -34.07 6.79
CA LEU A 557 17.96 -34.17 5.65
C LEU A 557 17.87 -35.57 5.03
N ASP A 558 18.18 -35.66 3.74
CA ASP A 558 18.11 -36.93 3.03
C ASP A 558 19.08 -37.94 3.63
N THR A 559 18.74 -39.22 3.54
CA THR A 559 19.51 -40.28 4.18
C THR A 559 20.87 -40.48 3.53
N GLU A 560 20.96 -40.23 2.23
CA GLU A 560 22.19 -40.45 1.48
C GLU A 560 23.26 -39.43 1.88
N SER A 561 22.90 -38.15 1.80
CA SER A 561 23.84 -37.08 2.14
C SER A 561 24.05 -36.99 3.64
N GLU A 562 23.15 -37.57 4.41
CA GLU A 562 23.25 -37.58 5.86
C GLU A 562 24.57 -38.19 6.31
N ALA A 563 24.92 -39.33 5.73
CA ALA A 563 26.17 -40.02 6.08
C ALA A 563 27.37 -39.16 5.67
N VAL A 564 27.26 -38.50 4.52
CA VAL A 564 28.32 -37.63 4.03
C VAL A 564 28.57 -36.52 5.06
N VAL A 565 27.50 -35.86 5.48
CA VAL A 565 27.61 -34.80 6.48
C VAL A 565 27.97 -35.39 7.85
N GLN A 566 27.55 -36.62 8.09
CA GLN A 566 27.82 -37.28 9.37
C GLN A 566 29.32 -37.53 9.51
N ALA A 567 29.95 -37.94 8.42
CA ALA A 567 31.40 -38.10 8.40
C ALA A 567 32.06 -36.81 8.84
N ALA A 568 31.62 -35.70 8.26
CA ALA A 568 32.15 -34.39 8.61
C ALA A 568 31.93 -34.10 10.09
N LEU A 569 30.69 -34.25 10.55
CA LEU A 569 30.35 -34.00 11.96
C LEU A 569 31.24 -34.80 12.89
N ASP A 570 31.46 -36.08 12.57
CA ASP A 570 32.36 -36.91 13.35
C ASP A 570 33.78 -36.38 13.27
N LYS A 571 34.18 -35.93 12.08
CA LYS A 571 35.51 -35.36 11.89
C LYS A 571 35.60 -33.95 12.48
N ALA A 572 34.46 -33.33 12.76
CA ALA A 572 34.43 -32.00 13.36
C ALA A 572 34.73 -32.12 14.86
N ARG A 573 34.45 -33.29 15.42
CA ARG A 573 34.82 -33.60 16.80
C ARG A 573 36.24 -34.13 16.85
N GLU A 574 36.60 -34.73 17.98
CA GLU A 574 37.89 -35.40 18.21
C GLU A 574 38.99 -34.40 18.60
N GLY A 575 38.74 -33.11 18.39
CA GLY A 575 39.57 -32.07 18.95
C GLY A 575 38.86 -31.26 20.02
N ARG A 576 37.65 -31.69 20.38
CA ARG A 576 36.74 -30.85 21.15
C ARG A 576 35.82 -31.64 22.07
N THR A 577 35.25 -30.94 23.05
CA THR A 577 34.15 -31.47 23.85
C THR A 577 32.85 -31.10 23.15
N THR A 578 31.87 -32.01 23.13
CA THR A 578 30.68 -31.81 22.32
C THR A 578 29.37 -32.27 22.97
N ILE A 579 28.36 -31.42 22.85
CA ILE A 579 26.99 -31.76 23.23
C ILE A 579 26.16 -31.86 21.96
N VAL A 580 25.60 -33.04 21.70
CA VAL A 580 24.84 -33.28 20.47
C VAL A 580 23.39 -33.68 20.77
N ILE A 581 22.49 -33.22 19.91
CA ILE A 581 21.06 -33.51 20.02
C ILE A 581 20.48 -33.83 18.65
N ALA A 582 19.78 -34.95 18.55
CA ALA A 582 19.06 -35.27 17.30
C ALA A 582 18.01 -36.35 17.53
N HIS A 583 17.23 -36.63 16.49
CA HIS A 583 16.18 -37.64 16.55
C HIS A 583 16.63 -38.98 15.96
N ARG A 584 17.83 -39.01 15.39
CA ARG A 584 18.35 -40.22 14.77
C ARG A 584 19.37 -40.90 15.68
N LEU A 585 19.05 -42.14 16.05
CA LEU A 585 19.82 -42.88 17.05
C LEU A 585 20.95 -43.66 16.39
N SER A 586 21.15 -43.44 15.09
CA SER A 586 22.29 -44.03 14.40
C SER A 586 23.59 -43.37 14.84
N THR A 587 23.51 -42.08 15.18
CA THR A 587 24.69 -41.30 15.53
C THR A 587 25.01 -41.28 17.03
N VAL A 588 24.07 -41.77 17.85
CA VAL A 588 24.23 -41.67 19.30
C VAL A 588 25.11 -42.77 19.89
N ARG A 589 25.10 -43.95 19.28
CA ARG A 589 25.77 -45.12 19.86
C ARG A 589 27.23 -44.86 20.21
N ASN A 590 27.92 -44.12 19.35
CA ASN A 590 29.33 -43.84 19.56
C ASN A 590 29.58 -42.77 20.61
N ALA A 591 28.52 -42.14 21.10
CA ALA A 591 28.63 -41.13 22.14
C ALA A 591 29.18 -41.76 23.42
N ASP A 592 29.90 -40.96 24.20
CA ASP A 592 30.48 -41.42 25.45
C ASP A 592 29.41 -41.51 26.54
N VAL A 593 28.45 -40.59 26.50
CA VAL A 593 27.34 -40.59 27.45
C VAL A 593 26.04 -40.16 26.77
N ILE A 594 24.96 -40.86 27.10
CA ILE A 594 23.63 -40.55 26.57
C ILE A 594 22.71 -40.12 27.70
N ALA A 595 21.99 -39.03 27.51
CA ALA A 595 21.17 -38.43 28.56
C ALA A 595 19.72 -38.22 28.12
N GLY A 596 18.80 -38.91 28.80
CA GLY A 596 17.38 -38.75 28.54
C GLY A 596 16.73 -37.73 29.46
N PHE A 597 15.66 -37.10 28.98
CA PHE A 597 14.91 -36.12 29.77
C PHE A 597 13.43 -36.52 29.85
N ASP A 598 12.80 -36.22 30.98
CA ASP A 598 11.36 -36.37 31.14
C ASP A 598 10.78 -35.17 31.88
N GLY A 599 9.89 -34.44 31.20
CA GLY A 599 9.26 -33.26 31.79
C GLY A 599 10.26 -32.23 32.29
N GLY A 600 11.36 -32.06 31.55
CA GLY A 600 12.40 -31.12 31.93
C GLY A 600 13.38 -31.71 32.94
N VAL A 601 13.04 -32.88 33.46
CA VAL A 601 13.84 -33.53 34.48
C VAL A 601 14.78 -34.56 33.87
N ILE A 602 16.08 -34.36 34.06
CA ILE A 602 17.09 -35.35 33.66
C ILE A 602 16.86 -36.64 34.45
N VAL A 603 16.83 -37.76 33.75
CA VAL A 603 16.63 -39.06 34.39
C VAL A 603 17.76 -40.03 34.07
N GLU A 604 17.75 -40.56 32.86
CA GLU A 604 18.68 -41.62 32.49
C GLU A 604 20.00 -41.05 31.97
N GLN A 605 21.11 -41.56 32.51
CA GLN A 605 22.43 -41.22 32.00
C GLN A 605 23.35 -42.44 32.04
N GLY A 606 24.14 -42.62 30.98
CA GLY A 606 25.08 -43.71 30.91
C GLY A 606 25.37 -44.14 29.49
N ASN A 607 26.17 -45.20 29.36
CA ASN A 607 26.49 -45.79 28.07
C ASN A 607 25.29 -46.54 27.50
N HIS A 608 25.31 -46.77 26.19
CA HIS A 608 24.19 -47.39 25.49
C HIS A 608 23.71 -48.69 26.15
N ASP A 609 24.63 -49.64 26.33
CA ASP A 609 24.30 -50.94 26.89
C ASP A 609 23.59 -50.80 28.24
N GLU A 610 24.03 -49.81 29.02
CA GLU A 610 23.48 -49.56 30.34
C GLU A 610 22.04 -49.06 30.22
N LEU A 611 21.83 -48.13 29.29
CA LEU A 611 20.50 -47.59 29.06
C LEU A 611 19.56 -48.64 28.48
N MET A 612 20.10 -49.54 27.66
CA MET A 612 19.30 -50.64 27.13
C MET A 612 18.98 -51.63 28.25
N ARG A 613 19.95 -51.87 29.13
CA ARG A 613 19.72 -52.70 30.31
C ARG A 613 18.72 -52.03 31.26
N GLU A 614 18.74 -50.71 31.29
CA GLU A 614 17.80 -49.94 32.11
C GLU A 614 16.37 -50.13 31.62
N LYS A 615 16.23 -50.33 30.30
CA LYS A 615 14.92 -50.51 29.68
C LYS A 615 14.01 -49.32 29.96
N GLY A 616 14.59 -48.14 30.00
CA GLY A 616 13.86 -46.92 30.32
C GLY A 616 13.36 -46.19 29.09
N ILE A 617 13.29 -44.87 29.19
CA ILE A 617 12.81 -44.01 28.11
C ILE A 617 13.59 -44.24 26.82
N TYR A 618 14.92 -44.29 26.94
CA TYR A 618 15.79 -44.49 25.79
C TYR A 618 15.42 -45.77 25.05
N PHE A 619 15.43 -46.88 25.77
CA PHE A 619 15.04 -48.18 25.21
C PHE A 619 13.66 -48.10 24.56
N LYS A 620 12.76 -47.37 25.21
CA LYS A 620 11.40 -47.18 24.71
C LYS A 620 11.43 -46.50 23.35
N LEU A 621 12.14 -45.38 23.25
CA LEU A 621 12.27 -44.66 21.99
C LEU A 621 13.00 -45.50 20.95
N VAL A 622 13.96 -46.31 21.38
CA VAL A 622 14.67 -47.20 20.46
C VAL A 622 13.69 -48.21 19.87
N MET A 623 12.88 -48.83 20.72
CA MET A 623 11.89 -49.79 20.27
C MET A 623 10.79 -49.12 19.43
N THR A 624 10.45 -47.89 19.79
CA THR A 624 9.41 -47.15 19.06
C THR A 624 9.86 -46.83 17.64
N GLN A 625 11.11 -46.43 17.47
CA GLN A 625 11.64 -46.05 16.18
C GLN A 625 12.33 -47.22 15.48
N THR A 626 12.29 -48.39 16.09
CA THR A 626 12.92 -49.59 15.55
C THR A 626 14.42 -49.39 15.39
N SER A 692 -3.22 9.16 -26.67
CA SER A 692 -4.42 9.97 -26.83
C SER A 692 -5.67 9.12 -26.98
N PHE A 693 -6.31 8.76 -25.86
CA PHE A 693 -7.55 8.03 -25.97
C PHE A 693 -8.65 9.06 -25.73
N TRP A 694 -9.29 9.46 -26.83
CA TRP A 694 -10.48 10.31 -26.80
C TRP A 694 -11.69 9.42 -27.04
N ARG A 695 -11.39 8.14 -27.26
CA ARG A 695 -12.41 7.13 -27.52
C ARG A 695 -13.26 6.92 -26.27
N ILE A 696 -12.67 7.15 -25.11
CA ILE A 696 -13.43 7.11 -23.87
C ILE A 696 -14.17 8.45 -23.70
N LEU A 697 -13.59 9.53 -24.22
CA LEU A 697 -14.28 10.82 -24.27
C LEU A 697 -15.51 10.69 -25.19
N LYS A 698 -15.42 9.78 -26.16
CA LYS A 698 -16.54 9.50 -27.06
C LYS A 698 -17.67 8.82 -26.29
N LEU A 699 -17.33 8.17 -25.18
CA LEU A 699 -18.34 7.53 -24.35
C LEU A 699 -19.08 8.58 -23.54
N ASN A 700 -18.35 9.60 -23.10
CA ASN A 700 -18.97 10.75 -22.43
C ASN A 700 -19.71 11.61 -23.45
N SER A 701 -19.46 11.36 -24.73
CA SER A 701 -20.15 12.11 -25.78
C SER A 701 -21.64 11.76 -25.78
N THR A 702 -22.02 10.76 -24.99
CA THR A 702 -23.42 10.43 -24.77
C THR A 702 -24.17 11.70 -24.38
N GLU A 703 -23.52 12.54 -23.57
CA GLU A 703 -24.06 13.84 -23.25
C GLU A 703 -23.33 14.91 -24.05
N TRP A 704 -24.00 15.42 -25.07
CA TRP A 704 -23.53 16.60 -25.78
C TRP A 704 -23.69 17.83 -24.89
N PRO A 705 -24.85 17.96 -24.21
CA PRO A 705 -24.96 19.03 -23.21
C PRO A 705 -24.23 18.66 -21.91
N TYR A 706 -24.41 19.48 -20.87
CA TYR A 706 -23.75 19.32 -19.56
C TYR A 706 -22.25 19.61 -19.62
N PHE A 707 -21.73 19.79 -20.83
CA PHE A 707 -20.32 20.11 -21.04
C PHE A 707 -20.20 21.54 -21.53
N VAL A 708 -20.79 21.82 -22.70
CA VAL A 708 -20.84 23.16 -23.25
C VAL A 708 -21.28 24.16 -22.19
N VAL A 709 -22.26 23.76 -21.39
CA VAL A 709 -22.75 24.60 -20.29
C VAL A 709 -21.61 24.94 -19.33
N GLY A 710 -20.95 23.90 -18.84
CA GLY A 710 -19.88 24.06 -17.87
C GLY A 710 -18.69 24.82 -18.43
N ILE A 711 -18.35 24.59 -19.69
CA ILE A 711 -17.20 25.25 -20.29
C ILE A 711 -17.51 26.72 -20.59
N PHE A 712 -18.68 26.97 -21.17
CA PHE A 712 -19.15 28.32 -21.42
C PHE A 712 -19.18 29.11 -20.11
N CYS A 713 -19.80 28.49 -19.11
CA CYS A 713 -19.88 29.09 -17.77
C CYS A 713 -18.49 29.30 -17.18
N ALA A 714 -17.63 28.29 -17.30
CA ALA A 714 -16.29 28.35 -16.73
C ALA A 714 -15.40 29.30 -17.52
N ILE A 715 -15.76 29.55 -18.78
CA ILE A 715 -15.04 30.53 -19.59
C ILE A 715 -15.50 31.91 -19.16
N ILE A 716 -16.80 32.05 -18.89
CA ILE A 716 -17.32 33.30 -18.34
C ILE A 716 -16.72 33.56 -16.97
N ASN A 717 -16.54 32.51 -16.18
CA ASN A 717 -15.85 32.62 -14.90
C ASN A 717 -14.40 33.02 -15.14
N GLY A 718 -13.77 32.36 -16.10
CA GLY A 718 -12.43 32.72 -16.54
C GLY A 718 -12.40 34.16 -16.99
N GLY A 719 -13.50 34.64 -17.57
CA GLY A 719 -13.61 36.02 -17.98
C GLY A 719 -13.98 36.91 -16.81
N LEU A 720 -14.61 36.31 -15.81
CA LEU A 720 -15.02 37.02 -14.60
C LEU A 720 -13.86 37.23 -13.64
N GLN A 721 -12.90 36.31 -13.66
CA GLN A 721 -11.78 36.36 -12.71
C GLN A 721 -10.93 37.63 -12.80
N PRO A 722 -10.46 38.01 -14.00
CA PRO A 722 -9.61 39.21 -14.07
C PRO A 722 -10.36 40.51 -13.84
N ALA A 723 -11.68 40.49 -13.97
CA ALA A 723 -12.50 41.67 -13.70
C ALA A 723 -12.26 42.13 -12.28
N PHE A 724 -11.95 41.18 -11.39
CA PHE A 724 -11.58 41.47 -10.02
C PHE A 724 -10.33 42.37 -9.98
N SER A 725 -9.38 42.09 -10.87
CA SER A 725 -8.14 42.86 -10.92
C SER A 725 -8.35 44.21 -11.58
N VAL A 726 -9.24 44.27 -12.57
CA VAL A 726 -9.53 45.51 -13.26
C VAL A 726 -10.12 46.51 -12.28
N ILE A 727 -11.06 46.05 -11.45
CA ILE A 727 -11.67 46.93 -10.46
C ILE A 727 -10.65 47.44 -9.46
N PHE A 728 -9.95 46.53 -8.80
CA PHE A 728 -8.96 46.89 -7.80
C PHE A 728 -7.97 47.91 -8.35
N SER A 729 -7.66 47.77 -9.63
CA SER A 729 -6.79 48.75 -10.29
C SER A 729 -7.43 50.13 -10.30
N LYS A 730 -8.68 50.19 -10.76
CA LYS A 730 -9.38 51.45 -10.89
C LYS A 730 -9.85 51.99 -9.54
N VAL A 731 -10.04 51.11 -8.56
CA VAL A 731 -10.37 51.55 -7.21
C VAL A 731 -9.21 52.40 -6.71
N VAL A 732 -8.02 51.81 -6.72
CA VAL A 732 -6.82 52.54 -6.37
C VAL A 732 -6.45 53.50 -7.51
N GLY A 733 -6.86 53.14 -8.72
CA GLY A 733 -6.55 53.95 -9.89
C GLY A 733 -7.25 55.29 -9.90
N VAL A 734 -8.58 55.29 -9.79
CA VAL A 734 -9.34 56.54 -9.81
C VAL A 734 -8.99 57.34 -8.57
N PHE A 735 -8.78 56.65 -7.45
CA PHE A 735 -8.43 57.29 -6.20
C PHE A 735 -7.05 57.95 -6.30
N THR A 736 -6.17 57.33 -7.08
CA THR A 736 -4.86 57.90 -7.36
C THR A 736 -4.98 58.96 -8.45
N ASN A 737 -5.86 58.70 -9.41
CA ASN A 737 -6.07 59.59 -10.55
C ASN A 737 -7.17 60.62 -10.27
N GLY A 738 -7.65 60.63 -9.03
CA GLY A 738 -8.83 61.39 -8.65
C GLY A 738 -8.86 62.86 -9.04
N GLY A 739 -7.78 63.59 -8.79
CA GLY A 739 -7.80 65.03 -8.98
C GLY A 739 -8.74 65.65 -7.96
N PRO A 740 -9.78 66.38 -8.42
CA PRO A 740 -10.71 66.94 -7.44
C PRO A 740 -11.36 65.85 -6.58
N PRO A 741 -11.32 65.99 -5.24
CA PRO A 741 -11.76 64.92 -4.33
C PRO A 741 -13.26 64.68 -4.30
N GLU A 742 -14.06 65.72 -4.54
CA GLU A 742 -15.51 65.65 -4.38
C GLU A 742 -16.14 64.44 -5.08
N THR A 743 -15.67 64.15 -6.29
CA THR A 743 -16.25 63.09 -7.10
C THR A 743 -15.80 61.69 -6.65
N GLN A 744 -14.77 61.63 -5.82
CA GLN A 744 -14.15 60.34 -5.48
C GLN A 744 -15.05 59.44 -4.65
N ARG A 745 -15.51 59.93 -3.50
CA ARG A 745 -16.23 59.11 -2.53
C ARG A 745 -17.34 58.32 -3.19
N GLN A 746 -18.15 58.98 -4.00
CA GLN A 746 -19.22 58.30 -4.71
C GLN A 746 -18.66 57.25 -5.66
N ASN A 747 -17.53 57.56 -6.30
CA ASN A 747 -16.96 56.66 -7.30
C ASN A 747 -16.35 55.42 -6.64
N SER A 748 -15.68 55.62 -5.51
CA SER A 748 -15.09 54.51 -4.77
C SER A 748 -16.18 53.62 -4.20
N ASN A 749 -17.29 54.23 -3.81
CA ASN A 749 -18.40 53.48 -3.23
C ASN A 749 -19.15 52.67 -4.28
N LEU A 750 -19.26 53.20 -5.49
CA LEU A 750 -19.92 52.49 -6.57
C LEU A 750 -19.04 51.34 -7.08
N PHE A 751 -17.73 51.48 -6.91
CA PHE A 751 -16.82 50.39 -7.26
C PHE A 751 -16.94 49.24 -6.28
N SER A 752 -16.82 49.55 -4.98
CA SER A 752 -16.91 48.54 -3.93
C SER A 752 -18.22 47.77 -4.03
N LEU A 753 -19.27 48.44 -4.49
CA LEU A 753 -20.52 47.76 -4.83
C LEU A 753 -20.20 46.74 -5.92
N LEU A 754 -19.84 47.23 -7.10
CA LEU A 754 -19.50 46.39 -8.23
C LEU A 754 -18.49 45.32 -7.85
N PHE A 755 -17.50 45.72 -7.04
CA PHE A 755 -16.48 44.82 -6.52
C PHE A 755 -17.14 43.58 -5.93
N LEU A 756 -18.27 43.77 -5.26
CA LEU A 756 -19.03 42.66 -4.71
C LEU A 756 -19.90 42.01 -5.78
N ILE A 757 -20.32 42.79 -6.78
CA ILE A 757 -21.27 42.30 -7.78
C ILE A 757 -20.66 41.17 -8.59
N LEU A 758 -19.37 41.28 -8.91
CA LEU A 758 -18.69 40.18 -9.56
C LEU A 758 -18.60 39.02 -8.58
N GLY A 759 -18.69 39.31 -7.29
CA GLY A 759 -18.65 38.29 -6.28
C GLY A 759 -19.89 37.42 -6.33
N ILE A 760 -21.06 38.03 -6.18
CA ILE A 760 -22.30 37.27 -6.12
C ILE A 760 -22.50 36.47 -7.41
N ILE A 761 -22.23 37.10 -8.55
CA ILE A 761 -22.33 36.41 -9.82
C ILE A 761 -21.31 35.28 -9.88
N SER A 762 -20.27 35.36 -9.06
CA SER A 762 -19.27 34.30 -9.02
C SER A 762 -19.83 33.08 -8.28
N PHE A 763 -20.88 33.30 -7.50
CA PHE A 763 -21.52 32.20 -6.78
C PHE A 763 -22.32 31.37 -7.77
N ILE A 764 -22.97 32.04 -8.70
CA ILE A 764 -23.78 31.38 -9.72
C ILE A 764 -22.89 30.55 -10.65
N THR A 765 -21.85 31.18 -11.19
CA THR A 765 -21.02 30.53 -12.20
C THR A 765 -20.20 29.39 -11.60
N PHE A 766 -19.70 29.56 -10.38
CA PHE A 766 -18.86 28.54 -9.77
C PHE A 766 -19.67 27.30 -9.42
N PHE A 767 -20.87 27.51 -8.89
CA PHE A 767 -21.75 26.40 -8.56
C PHE A 767 -22.18 25.66 -9.81
N LEU A 768 -22.47 26.40 -10.87
CA LEU A 768 -22.84 25.82 -12.15
C LEU A 768 -21.77 24.87 -12.66
N GLN A 769 -20.61 25.42 -13.03
CA GLN A 769 -19.56 24.62 -13.66
C GLN A 769 -19.12 23.45 -12.80
N GLY A 770 -19.37 23.53 -11.50
CA GLY A 770 -19.09 22.43 -10.60
C GLY A 770 -20.21 21.40 -10.59
N PHE A 771 -21.43 21.87 -10.82
CA PHE A 771 -22.61 20.99 -10.79
C PHE A 771 -22.76 20.23 -12.09
N THR A 772 -22.49 20.91 -13.21
CA THR A 772 -22.61 20.31 -14.53
C THR A 772 -21.55 19.23 -14.72
N PHE A 773 -20.31 19.54 -14.32
CA PHE A 773 -19.22 18.58 -14.42
C PHE A 773 -19.38 17.44 -13.41
N GLY A 774 -19.94 17.75 -12.25
CA GLY A 774 -20.18 16.74 -11.24
C GLY A 774 -21.21 15.72 -11.67
N LYS A 775 -22.39 16.20 -12.03
CA LYS A 775 -23.47 15.33 -12.48
C LYS A 775 -23.03 14.52 -13.70
N ALA A 776 -22.17 15.13 -14.52
CA ALA A 776 -21.63 14.44 -15.68
C ALA A 776 -20.65 13.35 -15.26
N GLY A 777 -20.06 13.52 -14.09
CA GLY A 777 -19.09 12.56 -13.58
C GLY A 777 -19.73 11.32 -13.02
N GLU A 778 -20.86 11.50 -12.33
CA GLU A 778 -21.52 10.39 -11.65
C GLU A 778 -22.29 9.51 -12.63
N ILE A 779 -22.73 10.07 -13.74
CA ILE A 779 -23.47 9.29 -14.73
C ILE A 779 -22.55 8.32 -15.46
N LEU A 780 -21.42 8.82 -15.99
CA LEU A 780 -20.55 7.95 -16.77
C LEU A 780 -19.93 6.90 -15.88
N THR A 781 -19.80 7.22 -14.59
CA THR A 781 -19.33 6.23 -13.62
C THR A 781 -20.33 5.08 -13.56
N LYS A 782 -21.60 5.36 -13.84
CA LYS A 782 -22.60 4.29 -13.91
C LYS A 782 -22.40 3.52 -15.19
N ARG A 783 -22.27 4.26 -16.29
CA ARG A 783 -22.10 3.66 -17.61
C ARG A 783 -20.84 2.78 -17.66
N LEU A 784 -19.73 3.31 -17.16
CA LEU A 784 -18.47 2.56 -17.18
C LEU A 784 -18.56 1.29 -16.34
N ARG A 785 -18.87 1.43 -15.06
CA ARG A 785 -18.95 0.28 -14.16
C ARG A 785 -19.99 -0.73 -14.64
N TYR A 786 -21.05 -0.23 -15.27
CA TYR A 786 -22.09 -1.10 -15.82
C TYR A 786 -21.58 -1.86 -17.04
N MET A 787 -20.82 -1.16 -17.87
CA MET A 787 -20.25 -1.77 -19.06
C MET A 787 -19.06 -2.66 -18.70
N VAL A 788 -18.34 -2.29 -17.65
CA VAL A 788 -17.22 -3.10 -17.18
C VAL A 788 -17.74 -4.40 -16.57
N PHE A 789 -18.64 -4.26 -15.60
CA PHE A 789 -19.17 -5.42 -14.89
C PHE A 789 -19.84 -6.40 -15.86
N LYS A 790 -20.73 -5.87 -16.71
CA LYS A 790 -21.40 -6.67 -17.73
C LYS A 790 -20.39 -7.55 -18.46
N SER A 791 -19.45 -6.91 -19.13
CA SER A 791 -18.42 -7.62 -19.88
C SER A 791 -17.61 -8.58 -19.00
N MET A 792 -17.65 -8.40 -17.68
CA MET A 792 -16.91 -9.30 -16.79
C MET A 792 -17.69 -10.59 -16.57
N LEU A 793 -18.99 -10.54 -16.81
CA LEU A 793 -19.84 -11.72 -16.71
C LEU A 793 -19.89 -12.45 -18.06
N ARG A 794 -19.38 -11.79 -19.10
CA ARG A 794 -19.29 -12.39 -20.42
C ARG A 794 -18.19 -13.44 -20.45
N GLN A 795 -17.07 -13.12 -19.83
CA GLN A 795 -15.89 -13.98 -19.84
C GLN A 795 -16.22 -15.35 -19.23
N ASP A 796 -15.54 -16.38 -19.72
CA ASP A 796 -15.79 -17.74 -19.25
C ASP A 796 -14.94 -18.09 -18.04
N VAL A 797 -15.07 -19.33 -17.57
CA VAL A 797 -14.36 -19.78 -16.38
C VAL A 797 -12.86 -19.77 -16.61
N SER A 798 -12.44 -19.96 -17.86
CA SER A 798 -11.03 -19.97 -18.22
C SER A 798 -10.33 -18.70 -17.77
N TRP A 799 -11.03 -17.57 -17.86
CA TRP A 799 -10.48 -16.28 -17.50
C TRP A 799 -10.50 -16.05 -15.98
N PHE A 800 -11.52 -16.60 -15.32
CA PHE A 800 -11.69 -16.43 -13.89
C PHE A 800 -10.77 -17.35 -13.09
N ASP A 801 -10.28 -18.41 -13.73
CA ASP A 801 -9.34 -19.32 -13.08
C ASP A 801 -7.93 -18.73 -13.12
N ASP A 802 -7.76 -17.68 -13.90
CA ASP A 802 -6.48 -16.99 -13.99
C ASP A 802 -6.01 -16.51 -12.62
N PRO A 803 -4.76 -16.87 -12.22
CA PRO A 803 -4.27 -16.32 -10.96
C PRO A 803 -4.13 -14.80 -10.99
N LYS A 804 -4.06 -14.23 -12.20
CA LYS A 804 -3.94 -12.79 -12.36
C LYS A 804 -5.22 -12.06 -11.94
N ASN A 805 -6.35 -12.73 -12.11
CA ASN A 805 -7.66 -12.17 -11.78
C ASN A 805 -8.34 -12.90 -10.62
N THR A 806 -8.45 -12.21 -9.48
CA THR A 806 -9.18 -12.74 -8.34
C THR A 806 -10.29 -11.76 -7.98
N THR A 807 -11.27 -12.23 -7.23
CA THR A 807 -12.44 -11.44 -6.87
C THR A 807 -12.06 -10.06 -6.34
N GLY A 808 -11.11 -10.03 -5.41
CA GLY A 808 -10.63 -8.78 -4.85
C GLY A 808 -10.00 -7.90 -5.91
N ALA A 809 -9.11 -8.49 -6.70
CA ALA A 809 -8.40 -7.76 -7.75
C ALA A 809 -9.38 -7.22 -8.79
N LEU A 810 -10.42 -8.00 -9.05
CA LEU A 810 -11.44 -7.60 -10.02
C LEU A 810 -12.29 -6.45 -9.48
N THR A 811 -12.75 -6.59 -8.23
CA THR A 811 -13.52 -5.53 -7.59
C THR A 811 -12.69 -4.26 -7.44
N THR A 812 -11.40 -4.43 -7.16
CA THR A 812 -10.49 -3.30 -7.04
C THR A 812 -10.33 -2.63 -8.41
N ARG A 813 -10.00 -3.43 -9.41
CA ARG A 813 -9.89 -2.94 -10.78
C ARG A 813 -11.20 -2.29 -11.19
N LEU A 814 -12.30 -2.84 -10.67
CA LEU A 814 -13.64 -2.36 -10.99
C LEU A 814 -13.89 -0.99 -10.38
N ALA A 815 -13.52 -0.81 -9.12
CA ALA A 815 -13.71 0.46 -8.42
C ALA A 815 -12.74 1.56 -8.87
N ASN A 816 -11.46 1.23 -8.88
CA ASN A 816 -10.41 2.22 -9.10
C ASN A 816 -10.53 2.96 -10.44
N ASP A 817 -10.51 2.21 -11.54
CA ASP A 817 -10.50 2.83 -12.86
C ASP A 817 -11.69 3.76 -13.05
N ALA A 818 -12.88 3.27 -12.70
CA ALA A 818 -14.10 4.06 -12.79
C ALA A 818 -14.03 5.26 -11.87
N ALA A 819 -13.42 5.09 -10.71
CA ALA A 819 -13.19 6.20 -9.81
C ALA A 819 -12.19 7.20 -10.41
N GLN A 820 -11.20 6.68 -11.13
CA GLN A 820 -10.11 7.52 -11.64
C GLN A 820 -10.49 8.34 -12.88
N VAL A 821 -11.16 7.71 -13.84
CA VAL A 821 -11.54 8.41 -15.07
C VAL A 821 -12.43 9.61 -14.77
N LYS A 822 -13.18 9.53 -13.69
CA LYS A 822 -14.07 10.62 -13.27
C LYS A 822 -13.26 11.87 -12.94
N GLY A 823 -12.09 11.67 -12.33
CA GLY A 823 -11.24 12.78 -11.92
C GLY A 823 -10.65 13.54 -13.10
N ALA A 824 -10.37 12.83 -14.19
CA ALA A 824 -9.79 13.45 -15.37
C ALA A 824 -10.84 14.23 -16.15
N THR A 825 -12.01 13.61 -16.34
CA THR A 825 -13.12 14.25 -17.03
C THR A 825 -13.84 15.25 -16.13
N GLY A 826 -13.41 15.30 -14.87
CA GLY A 826 -14.09 16.08 -13.84
C GLY A 826 -13.57 17.48 -13.67
N SER A 827 -13.60 17.95 -12.42
CA SER A 827 -13.28 19.34 -12.06
C SER A 827 -12.01 19.89 -12.70
N ARG A 828 -10.97 19.06 -12.77
CA ARG A 828 -9.67 19.50 -13.27
C ARG A 828 -9.79 20.19 -14.62
N LEU A 829 -10.39 19.49 -15.58
CA LEU A 829 -10.60 20.04 -16.93
C LEU A 829 -11.26 21.42 -16.87
N ALA A 830 -12.35 21.51 -16.11
CA ALA A 830 -13.07 22.77 -15.94
C ALA A 830 -12.15 23.85 -15.42
N VAL A 831 -11.36 23.52 -14.42
CA VAL A 831 -10.41 24.47 -13.85
C VAL A 831 -9.38 24.90 -14.91
N ILE A 832 -8.86 23.94 -15.68
CA ILE A 832 -7.89 24.28 -16.72
C ILE A 832 -8.49 25.25 -17.72
N PHE A 833 -9.67 24.92 -18.24
CA PHE A 833 -10.37 25.81 -19.17
C PHE A 833 -10.59 27.18 -18.54
N GLN A 834 -10.99 27.17 -17.27
CA GLN A 834 -11.18 28.40 -16.52
C GLN A 834 -9.88 29.19 -16.43
N ASN A 835 -8.77 28.49 -16.24
CA ASN A 835 -7.47 29.14 -16.09
C ASN A 835 -6.90 29.68 -17.40
N ILE A 836 -7.10 28.95 -18.49
CA ILE A 836 -6.66 29.45 -19.79
C ILE A 836 -7.54 30.62 -20.21
N ALA A 837 -8.84 30.52 -19.94
CA ALA A 837 -9.75 31.63 -20.17
C ALA A 837 -9.34 32.83 -19.31
N ASN A 838 -8.98 32.53 -18.06
CA ASN A 838 -8.51 33.55 -17.13
C ASN A 838 -7.28 34.28 -17.66
N LEU A 839 -6.22 33.53 -17.93
CA LEU A 839 -5.00 34.12 -18.44
C LEU A 839 -5.26 34.82 -19.77
N GLY A 840 -6.13 34.24 -20.58
CA GLY A 840 -6.47 34.79 -21.89
C GLY A 840 -7.12 36.15 -21.82
N THR A 841 -8.20 36.24 -21.07
CA THR A 841 -8.89 37.51 -20.90
C THR A 841 -7.94 38.50 -20.21
N GLY A 842 -7.27 38.03 -19.16
CA GLY A 842 -6.30 38.84 -18.46
C GLY A 842 -5.25 39.40 -19.40
N ILE A 843 -4.73 38.55 -20.29
CA ILE A 843 -3.63 38.96 -21.15
C ILE A 843 -4.12 39.86 -22.27
N ILE A 844 -5.34 39.62 -22.75
CA ILE A 844 -5.93 40.54 -23.72
C ILE A 844 -6.04 41.93 -23.11
N ILE A 845 -6.68 42.02 -21.94
CA ILE A 845 -6.84 43.31 -21.27
C ILE A 845 -5.48 43.96 -21.02
N SER A 846 -4.60 43.22 -20.35
CA SER A 846 -3.26 43.73 -20.05
C SER A 846 -2.53 44.19 -21.30
N LEU A 847 -2.56 43.36 -22.34
CA LEU A 847 -1.83 43.64 -23.56
C LEU A 847 -2.38 44.88 -24.25
N ILE A 848 -3.71 45.01 -24.30
CA ILE A 848 -4.30 46.15 -24.99
C ILE A 848 -4.15 47.43 -24.18
N TYR A 849 -4.11 47.33 -22.84
CA TYR A 849 -3.88 48.50 -22.02
C TYR A 849 -2.43 48.94 -22.03
N GLY A 850 -1.55 48.19 -21.36
CA GLY A 850 -0.13 48.47 -21.40
C GLY A 850 0.50 48.10 -22.73
N TRP A 851 1.19 49.06 -23.36
CA TRP A 851 1.95 48.76 -24.57
C TRP A 851 3.38 48.40 -24.19
N GLN A 852 3.76 47.16 -24.48
CA GLN A 852 5.06 46.59 -24.11
C GLN A 852 5.24 46.43 -22.60
N LEU A 853 4.30 46.97 -21.81
CA LEU A 853 4.33 46.77 -20.37
C LEU A 853 4.02 45.31 -20.10
N THR A 854 3.05 44.79 -20.86
CA THR A 854 2.61 43.42 -20.76
C THR A 854 3.56 42.47 -21.50
N LEU A 855 3.97 42.89 -22.69
CA LEU A 855 4.92 42.12 -23.50
C LEU A 855 6.18 41.83 -22.70
N LEU A 856 6.53 42.76 -21.82
CA LEU A 856 7.65 42.57 -20.92
C LEU A 856 7.38 41.44 -19.95
N LEU A 857 6.26 41.54 -19.22
CA LEU A 857 5.92 40.55 -18.21
C LEU A 857 5.81 39.16 -18.81
N LEU A 858 5.25 39.07 -20.01
CA LEU A 858 5.10 37.77 -20.65
C LEU A 858 6.45 37.14 -20.98
N ALA A 859 7.51 37.93 -20.94
CA ALA A 859 8.86 37.39 -21.03
C ALA A 859 9.31 36.87 -19.67
N ILE A 860 8.89 37.54 -18.59
CA ILE A 860 9.33 37.20 -17.24
C ILE A 860 8.58 36.01 -16.64
N VAL A 861 7.26 36.04 -16.77
CA VAL A 861 6.39 35.15 -16.01
C VAL A 861 6.50 33.67 -16.40
N PRO A 862 6.47 33.37 -17.70
CA PRO A 862 6.59 31.95 -18.08
C PRO A 862 7.93 31.35 -17.67
N ILE A 863 8.91 32.19 -17.41
CA ILE A 863 10.24 31.73 -17.02
C ILE A 863 10.24 31.29 -15.56
N ILE A 864 9.65 32.10 -14.68
CA ILE A 864 9.61 31.77 -13.26
C ILE A 864 8.68 30.59 -13.01
N ALA A 865 7.67 30.44 -13.87
CA ALA A 865 6.74 29.32 -13.77
C ALA A 865 7.42 28.03 -14.17
N ILE A 866 8.10 28.05 -15.32
CA ILE A 866 8.85 26.89 -15.79
C ILE A 866 10.00 26.61 -14.84
N ALA A 867 10.58 27.67 -14.28
CA ALA A 867 11.64 27.53 -13.29
C ALA A 867 11.08 26.87 -12.02
N GLY A 868 9.79 27.02 -11.81
CA GLY A 868 9.12 26.41 -10.66
C GLY A 868 8.87 24.93 -10.87
N VAL A 869 8.56 24.56 -12.11
CA VAL A 869 8.27 23.17 -12.44
C VAL A 869 9.56 22.35 -12.45
N VAL A 870 10.62 22.91 -13.01
CA VAL A 870 11.89 22.19 -13.14
C VAL A 870 12.48 21.88 -11.77
N GLU A 871 12.22 22.75 -10.81
CA GLU A 871 12.69 22.54 -9.44
C GLU A 871 12.06 21.29 -8.84
N MET A 872 10.75 21.14 -9.07
CA MET A 872 10.02 20.00 -8.55
C MET A 872 10.51 18.71 -9.21
N LYS A 873 10.97 18.82 -10.45
CA LYS A 873 11.50 17.67 -11.17
C LYS A 873 12.82 17.19 -10.55
N MET A 874 13.68 18.15 -10.19
CA MET A 874 14.95 17.81 -9.55
C MET A 874 14.71 17.24 -8.16
N LEU A 875 13.64 17.72 -7.52
CA LEU A 875 13.27 17.25 -6.18
C LEU A 875 12.87 15.78 -6.21
N SER A 876 12.10 15.40 -7.22
CA SER A 876 11.67 14.01 -7.37
C SER A 876 12.84 13.11 -7.79
N GLY A 877 13.75 13.66 -8.59
CA GLY A 877 14.91 12.91 -9.04
C GLY A 877 15.84 12.55 -7.91
N GLN A 878 16.17 13.54 -7.08
CA GLN A 878 17.02 13.31 -5.92
C GLN A 878 16.30 12.44 -4.90
N ALA A 879 14.98 12.55 -4.87
CA ALA A 879 14.17 11.73 -3.97
C ALA A 879 14.24 10.27 -4.39
N LEU A 880 14.02 10.01 -5.67
CA LEU A 880 14.05 8.64 -6.19
C LEU A 880 15.43 8.03 -6.07
N LYS A 881 16.46 8.81 -6.44
CA LYS A 881 17.83 8.32 -6.39
C LYS A 881 18.24 8.00 -4.96
N ASP A 882 17.78 8.80 -4.01
CA ASP A 882 18.10 8.58 -2.61
C ASP A 882 17.41 7.32 -2.08
N LYS A 883 16.17 7.10 -2.54
CA LYS A 883 15.42 5.91 -2.16
C LYS A 883 16.14 4.65 -2.62
N LYS A 884 16.82 4.74 -3.75
CA LYS A 884 17.51 3.59 -4.33
C LYS A 884 18.78 3.25 -3.57
N GLU A 885 19.44 4.26 -3.01
CA GLU A 885 20.71 4.06 -2.32
C GLU A 885 20.50 3.49 -0.92
N LEU A 886 19.53 4.03 -0.19
CA LEU A 886 19.23 3.54 1.15
C LEU A 886 18.49 2.21 1.06
N GLU A 887 17.95 1.92 -0.11
CA GLU A 887 17.30 0.63 -0.34
C GLU A 887 18.34 -0.49 -0.25
N GLY A 888 19.57 -0.17 -0.62
CA GLY A 888 20.66 -1.12 -0.57
C GLY A 888 21.20 -1.31 0.84
N SER A 889 21.18 -0.23 1.61
CA SER A 889 21.65 -0.27 3.00
C SER A 889 20.59 -0.88 3.91
N GLY A 890 19.33 -0.72 3.52
CA GLY A 890 18.24 -1.33 4.26
C GLY A 890 18.12 -2.80 3.94
N LYS A 891 18.68 -3.21 2.81
CA LYS A 891 18.64 -4.59 2.38
C LYS A 891 19.62 -5.45 3.18
N ILE A 892 20.77 -4.87 3.51
CA ILE A 892 21.77 -5.55 4.33
C ILE A 892 21.36 -5.58 5.80
N ALA A 893 20.49 -4.65 6.17
CA ALA A 893 19.93 -4.64 7.52
C ALA A 893 18.93 -5.78 7.67
N THR A 894 18.07 -5.93 6.67
CA THR A 894 17.05 -6.96 6.69
C THR A 894 17.71 -8.33 6.75
N GLU A 895 18.77 -8.50 5.96
CA GLU A 895 19.53 -9.73 5.95
C GLU A 895 20.12 -10.03 7.33
N ALA A 896 20.51 -8.98 8.03
CA ALA A 896 21.16 -9.11 9.33
C ALA A 896 20.17 -9.44 10.44
N ILE A 897 19.06 -8.72 10.48
CA ILE A 897 18.15 -8.82 11.61
C ILE A 897 17.11 -9.93 11.44
N GLU A 898 16.93 -10.44 10.23
CA GLU A 898 16.02 -11.55 10.01
C GLU A 898 16.68 -12.88 10.38
N ASN A 899 17.94 -13.01 10.01
CA ASN A 899 18.74 -14.20 10.33
C ASN A 899 19.46 -14.05 11.66
N PHE A 900 19.13 -12.99 12.39
CA PHE A 900 19.91 -12.54 13.55
C PHE A 900 20.33 -13.65 14.50
N ARG A 901 19.42 -14.54 14.87
CA ARG A 901 19.74 -15.55 15.86
C ARG A 901 20.96 -16.38 15.44
N THR A 902 21.26 -16.38 14.15
CA THR A 902 22.47 -17.02 13.66
C THR A 902 23.69 -16.11 13.81
N VAL A 903 23.55 -14.83 13.45
CA VAL A 903 24.72 -13.96 13.42
C VAL A 903 25.25 -13.76 14.84
N VAL A 904 24.35 -13.73 15.82
CA VAL A 904 24.78 -13.60 17.21
C VAL A 904 25.63 -14.80 17.62
N SER A 905 25.29 -15.97 17.07
CA SER A 905 26.01 -17.20 17.39
C SER A 905 27.40 -17.18 16.80
N LEU A 906 27.52 -16.56 15.63
CA LEU A 906 28.80 -16.45 14.97
C LEU A 906 29.50 -15.14 15.34
N THR A 907 28.85 -14.33 16.17
CA THR A 907 29.29 -12.96 16.43
C THR A 907 29.40 -12.21 15.10
N ARG A 908 30.46 -11.42 14.92
CA ARG A 908 30.63 -10.66 13.68
C ARG A 908 29.44 -9.71 13.44
N GLU A 909 28.81 -9.26 14.52
CA GLU A 909 27.80 -8.22 14.42
C GLU A 909 28.51 -6.94 13.97
N GLN A 910 29.70 -6.73 14.52
CA GLN A 910 30.54 -5.60 14.15
C GLN A 910 30.76 -5.58 12.63
N LYS A 911 30.77 -6.76 12.04
CA LYS A 911 30.89 -6.88 10.59
C LYS A 911 29.72 -6.13 9.95
N PHE A 912 28.50 -6.54 10.32
CA PHE A 912 27.30 -5.89 9.79
C PHE A 912 27.23 -4.41 10.18
N GLU A 913 27.77 -4.06 11.33
CA GLU A 913 27.90 -2.64 11.69
C GLU A 913 28.70 -1.94 10.59
N THR A 914 29.89 -2.48 10.32
CA THR A 914 30.79 -1.90 9.34
C THR A 914 30.16 -1.86 7.94
N MET A 915 29.58 -2.98 7.51
CA MET A 915 28.96 -3.04 6.20
C MET A 915 27.81 -2.03 6.09
N TYR A 916 26.98 -1.97 7.13
CA TYR A 916 25.89 -1.01 7.18
C TYR A 916 26.41 0.41 7.06
N ALA A 917 27.47 0.72 7.80
CA ALA A 917 28.10 2.04 7.71
C ALA A 917 28.57 2.33 6.29
N GLN A 918 29.34 1.42 5.72
CA GLN A 918 29.85 1.58 4.36
C GLN A 918 28.70 1.72 3.37
N SER A 919 27.59 1.04 3.64
CA SER A 919 26.39 1.20 2.83
C SER A 919 25.84 2.62 2.97
N LEU A 920 25.74 3.09 4.20
CA LEU A 920 25.21 4.42 4.48
C LEU A 920 26.08 5.55 3.94
N GLN A 921 27.40 5.32 3.90
CA GLN A 921 28.33 6.36 3.49
C GLN A 921 27.96 7.05 2.17
N ILE A 922 27.43 6.29 1.22
CA ILE A 922 27.07 6.85 -0.08
C ILE A 922 25.86 7.81 0.02
N PRO A 923 24.74 7.36 0.64
CA PRO A 923 23.65 8.33 0.88
C PRO A 923 24.07 9.56 1.68
N TYR A 924 25.06 9.44 2.54
CA TYR A 924 25.49 10.56 3.38
C TYR A 924 26.09 11.68 2.53
N ARG A 925 27.07 11.34 1.70
CA ARG A 925 27.67 12.32 0.80
C ARG A 925 26.63 12.87 -0.17
N ASN A 926 25.62 12.06 -0.44
CA ASN A 926 24.51 12.48 -1.29
C ASN A 926 23.66 13.54 -0.61
N ALA A 927 23.44 13.35 0.69
CA ALA A 927 22.62 14.27 1.47
C ALA A 927 23.33 15.62 1.66
N MET A 928 24.65 15.62 1.50
CA MET A 928 25.42 16.86 1.57
C MET A 928 25.17 17.69 0.33
N LYS A 929 25.14 17.03 -0.82
CA LYS A 929 24.85 17.70 -2.09
C LYS A 929 23.40 18.16 -2.14
N LYS A 930 22.53 17.42 -1.46
CA LYS A 930 21.11 17.76 -1.43
C LYS A 930 20.88 19.16 -0.89
N ALA A 931 21.53 19.48 0.22
CA ALA A 931 21.39 20.79 0.85
C ALA A 931 21.89 21.89 -0.08
N HIS A 932 22.99 21.62 -0.78
CA HIS A 932 23.55 22.57 -1.72
C HIS A 932 22.57 22.87 -2.85
N VAL A 933 21.89 21.84 -3.34
CA VAL A 933 20.93 21.99 -4.44
C VAL A 933 19.61 22.60 -3.97
N PHE A 934 19.06 22.07 -2.89
CA PHE A 934 17.77 22.52 -2.37
C PHE A 934 17.79 24.02 -2.08
N GLY A 935 18.95 24.53 -1.69
CA GLY A 935 19.10 25.94 -1.37
C GLY A 935 19.12 26.82 -2.60
N ILE A 936 19.89 26.42 -3.60
CA ILE A 936 20.03 27.20 -4.82
C ILE A 936 18.69 27.29 -5.55
N THR A 937 18.05 26.15 -5.75
CA THR A 937 16.77 26.11 -6.49
C THR A 937 15.72 26.95 -5.78
N PHE A 938 15.74 26.93 -4.46
CA PHE A 938 14.81 27.73 -3.68
C PHE A 938 15.09 29.22 -3.86
N SER A 939 16.33 29.62 -3.57
CA SER A 939 16.70 31.02 -3.61
C SER A 939 16.57 31.60 -5.02
N PHE A 940 16.88 30.79 -6.02
CA PHE A 940 16.77 31.23 -7.41
C PHE A 940 15.32 31.57 -7.75
N THR A 941 14.40 30.75 -7.25
CA THR A 941 12.98 30.95 -7.52
C THR A 941 12.41 32.12 -6.73
N GLN A 942 12.96 32.37 -5.54
CA GLN A 942 12.54 33.52 -4.75
C GLN A 942 13.11 34.81 -5.33
N ALA A 943 14.41 34.80 -5.60
CA ALA A 943 15.09 35.98 -6.13
C ALA A 943 14.49 36.41 -7.47
N MET A 944 14.16 35.43 -8.30
CA MET A 944 13.56 35.71 -9.61
C MET A 944 12.22 36.41 -9.45
N MET A 945 11.47 36.02 -8.43
CA MET A 945 10.16 36.61 -8.20
C MET A 945 10.28 38.02 -7.63
N TYR A 946 11.35 38.26 -6.87
CA TYR A 946 11.59 39.59 -6.32
C TYR A 946 12.22 40.53 -7.35
N PHE A 947 13.15 40.01 -8.14
CA PHE A 947 13.76 40.78 -9.21
C PHE A 947 12.74 41.08 -10.29
N SER A 948 11.87 40.12 -10.58
CA SER A 948 10.78 40.33 -11.52
C SER A 948 9.93 41.50 -11.05
N TYR A 949 9.75 41.59 -9.74
CA TYR A 949 8.93 42.65 -9.14
C TYR A 949 9.62 44.01 -9.26
N ALA A 950 10.94 43.98 -9.43
CA ALA A 950 11.71 45.20 -9.63
C ALA A 950 11.53 45.70 -11.06
N ALA A 951 11.67 44.79 -12.02
CA ALA A 951 11.49 45.13 -13.43
C ALA A 951 10.07 45.61 -13.68
N CYS A 952 9.15 45.13 -12.87
CA CYS A 952 7.75 45.54 -12.96
C CYS A 952 7.63 47.05 -12.85
N PHE A 953 7.86 47.59 -11.66
CA PHE A 953 7.66 49.01 -11.42
C PHE A 953 8.73 49.86 -12.10
N ARG A 954 9.88 49.26 -12.40
CA ARG A 954 10.95 50.01 -13.05
C ARG A 954 10.58 50.33 -14.49
N PHE A 955 10.04 49.34 -15.20
CA PHE A 955 9.56 49.56 -16.56
C PHE A 955 8.20 50.26 -16.50
N GLY A 956 7.41 49.94 -15.48
CA GLY A 956 6.13 50.60 -15.26
C GLY A 956 6.34 52.08 -15.04
N ALA A 957 7.35 52.41 -14.23
CA ALA A 957 7.82 53.78 -14.09
C ALA A 957 8.82 54.05 -15.21
N TYR A 958 9.52 55.18 -15.12
CA TYR A 958 10.56 55.49 -16.09
C TYR A 958 10.00 55.51 -17.51
N LEU A 959 10.45 54.59 -18.36
CA LEU A 959 10.11 54.59 -19.79
C LEU A 959 8.61 54.69 -20.06
N VAL A 960 7.80 53.98 -19.27
CA VAL A 960 6.35 53.99 -19.48
C VAL A 960 5.68 55.23 -18.87
N THR A 961 6.09 55.60 -17.66
CA THR A 961 5.44 56.72 -16.97
C THR A 961 5.96 58.08 -17.43
N GLN A 962 7.15 58.10 -18.03
CA GLN A 962 7.64 59.33 -18.64
C GLN A 962 6.78 59.64 -19.86
N GLN A 963 6.28 58.58 -20.50
CA GLN A 963 5.29 58.69 -21.55
C GLN A 963 3.94 59.00 -20.91
N LEU A 964 2.90 59.18 -21.72
CA LEU A 964 1.57 59.48 -21.20
C LEU A 964 0.90 58.27 -20.55
N MET A 965 1.51 57.10 -20.66
CA MET A 965 0.97 55.88 -20.07
C MET A 965 0.94 56.00 -18.54
N THR A 966 -0.07 55.39 -17.92
CA THR A 966 -0.43 55.71 -16.53
C THR A 966 -0.29 54.55 -15.53
N PHE A 967 -0.18 54.93 -14.27
CA PHE A 967 0.02 54.02 -13.14
C PHE A 967 -1.13 53.03 -12.95
N GLU A 968 -2.36 53.53 -13.09
CA GLU A 968 -3.55 52.72 -12.87
C GLU A 968 -3.56 51.50 -13.79
N ASN A 969 -3.01 51.65 -14.98
CA ASN A 969 -2.91 50.55 -15.92
C ASN A 969 -1.81 49.58 -15.49
N VAL A 970 -0.68 50.13 -15.06
CA VAL A 970 0.42 49.34 -14.55
C VAL A 970 -0.09 48.39 -13.45
N LEU A 971 -0.73 48.98 -12.45
CA LEU A 971 -1.29 48.22 -11.33
C LEU A 971 -2.28 47.17 -11.81
N LEU A 972 -2.96 47.45 -12.92
CA LEU A 972 -3.91 46.50 -13.51
C LEU A 972 -3.18 45.33 -14.13
N VAL A 973 -2.20 45.64 -14.98
CA VAL A 973 -1.48 44.63 -15.72
C VAL A 973 -0.78 43.66 -14.78
N PHE A 974 -0.03 44.18 -13.80
CA PHE A 974 0.70 43.28 -12.90
C PHE A 974 -0.23 42.26 -12.29
N SER A 975 -1.31 42.74 -11.68
CA SER A 975 -2.35 41.88 -11.14
C SER A 975 -2.77 40.84 -12.17
N ALA A 976 -3.38 41.32 -13.24
CA ALA A 976 -3.93 40.45 -14.28
C ALA A 976 -2.96 39.35 -14.67
N ILE A 977 -1.80 39.75 -15.18
CA ILE A 977 -0.78 38.81 -15.63
C ILE A 977 -0.36 37.81 -14.52
N VAL A 978 0.06 38.33 -13.37
CA VAL A 978 0.60 37.45 -12.34
C VAL A 978 -0.45 36.44 -11.89
N PHE A 979 -1.71 36.84 -11.81
CA PHE A 979 -2.73 35.89 -11.38
C PHE A 979 -3.14 34.96 -12.51
N GLY A 980 -3.02 35.43 -13.75
CA GLY A 980 -3.09 34.53 -14.89
C GLY A 980 -2.08 33.42 -14.71
N ALA A 981 -0.86 33.79 -14.35
CA ALA A 981 0.18 32.80 -14.06
C ALA A 981 -0.17 31.89 -12.89
N MET A 982 -0.48 32.48 -11.74
CA MET A 982 -0.82 31.69 -10.56
C MET A 982 -2.06 30.83 -10.82
N ALA A 983 -2.84 31.20 -11.84
CA ALA A 983 -3.90 30.33 -12.33
C ALA A 983 -3.31 29.21 -13.19
N VAL A 984 -2.33 29.56 -14.04
CA VAL A 984 -1.64 28.54 -14.85
C VAL A 984 -0.94 27.49 -13.99
N GLY A 985 -0.45 27.88 -12.82
CA GLY A 985 0.19 26.94 -11.91
C GLY A 985 -0.63 25.69 -11.67
N GLN A 986 -1.96 25.87 -11.60
CA GLN A 986 -2.87 24.76 -11.38
C GLN A 986 -2.85 23.78 -12.55
N VAL A 987 -2.35 24.22 -13.70
CA VAL A 987 -2.17 23.32 -14.84
C VAL A 987 -1.08 22.31 -14.51
N SER A 988 0.03 22.82 -14.00
CA SER A 988 1.13 21.95 -13.59
C SER A 988 0.72 21.08 -12.41
N SER A 989 -0.02 21.67 -11.47
CA SER A 989 -0.49 20.92 -10.31
C SER A 989 -1.43 19.76 -10.67
N PHE A 990 -2.24 19.96 -11.72
CA PHE A 990 -3.27 18.99 -12.11
C PHE A 990 -2.78 17.99 -13.16
N ALA A 991 -1.50 18.06 -13.50
CA ALA A 991 -0.93 17.21 -14.53
C ALA A 991 -1.05 15.69 -14.26
N PRO A 992 -0.72 15.25 -13.03
CA PRO A 992 -0.64 13.79 -12.83
C PRO A 992 -1.98 13.06 -12.91
N ASP A 993 -3.07 13.78 -12.65
CA ASP A 993 -4.40 13.19 -12.64
C ASP A 993 -4.75 12.55 -13.98
N TYR A 994 -4.46 13.25 -15.07
CA TYR A 994 -4.75 12.72 -16.39
C TYR A 994 -3.89 11.51 -16.70
N ALA A 995 -2.63 11.55 -16.25
CA ALA A 995 -1.73 10.42 -16.45
C ALA A 995 -2.27 9.18 -15.74
N LYS A 996 -2.52 9.31 -14.44
CA LYS A 996 -3.08 8.21 -13.66
C LYS A 996 -4.40 7.75 -14.26
N ALA A 997 -5.23 8.71 -14.66
CA ALA A 997 -6.52 8.42 -15.25
C ALA A 997 -6.35 7.74 -16.62
N THR A 998 -5.28 8.07 -17.33
CA THR A 998 -5.01 7.44 -18.62
C THR A 998 -4.60 5.99 -18.41
N VAL A 999 -3.67 5.78 -17.47
CA VAL A 999 -3.26 4.43 -17.11
C VAL A 999 -4.47 3.63 -16.64
N SER A 1000 -5.34 4.28 -15.89
CA SER A 1000 -6.56 3.64 -15.41
C SER A 1000 -7.62 3.53 -16.51
N ALA A 1001 -7.55 4.42 -17.49
CA ALA A 1001 -8.48 4.39 -18.62
C ALA A 1001 -7.99 3.43 -19.69
N SER A 1002 -6.72 3.07 -19.63
CA SER A 1002 -6.16 2.08 -20.55
C SER A 1002 -6.79 0.72 -20.29
N HIS A 1003 -6.82 0.32 -19.03
CA HIS A 1003 -7.34 -1.00 -18.66
C HIS A 1003 -8.83 -1.14 -18.96
N ILE A 1004 -9.58 -0.09 -18.63
CA ILE A 1004 -11.04 -0.18 -18.60
C ILE A 1004 -11.66 -0.36 -19.98
N ILE A 1005 -10.96 0.06 -21.03
CA ILE A 1005 -11.40 -0.18 -22.39
C ILE A 1005 -11.03 -1.60 -22.82
N ARG A 1006 -9.80 -1.99 -22.47
CA ARG A 1006 -9.30 -3.31 -22.82
C ARG A 1006 -10.19 -4.40 -22.21
N ILE A 1007 -10.59 -4.19 -20.96
CA ILE A 1007 -11.40 -5.18 -20.26
C ILE A 1007 -12.78 -5.32 -20.92
N ILE A 1008 -13.26 -4.24 -21.54
CA ILE A 1008 -14.51 -4.29 -22.28
C ILE A 1008 -14.31 -4.98 -23.62
N GLU A 1009 -13.27 -4.58 -24.35
CA GLU A 1009 -13.05 -5.09 -25.70
C GLU A 1009 -12.58 -6.54 -25.75
N LYS A 1010 -12.24 -7.11 -24.61
CA LYS A 1010 -11.82 -8.51 -24.57
C LYS A 1010 -13.02 -9.43 -24.78
N THR A 1011 -12.86 -10.42 -25.65
CA THR A 1011 -13.92 -11.38 -25.95
C THR A 1011 -13.48 -12.77 -25.54
N PRO A 1012 -14.44 -13.63 -25.15
CA PRO A 1012 -14.09 -14.99 -24.70
C PRO A 1012 -14.10 -16.04 -25.81
N GLU A 1013 -13.74 -17.27 -25.47
CA GLU A 1013 -13.90 -18.39 -26.39
C GLU A 1013 -15.35 -18.86 -26.37
N ILE A 1014 -15.93 -18.91 -25.17
CA ILE A 1014 -17.33 -19.26 -24.97
C ILE A 1014 -18.07 -18.09 -24.35
N ASP A 1015 -19.00 -17.48 -25.10
CA ASP A 1015 -19.78 -16.37 -24.57
C ASP A 1015 -21.22 -16.78 -24.31
N SER A 1016 -21.70 -16.51 -23.10
CA SER A 1016 -23.04 -16.91 -22.69
C SER A 1016 -24.10 -15.99 -23.29
N TYR A 1017 -23.67 -14.85 -23.83
CA TYR A 1017 -24.59 -13.83 -24.33
C TYR A 1017 -25.12 -14.14 -25.73
N SER A 1018 -24.39 -14.91 -26.52
CA SER A 1018 -24.79 -15.19 -27.90
C SER A 1018 -26.16 -15.86 -27.97
N THR A 1019 -26.99 -15.39 -28.89
CA THR A 1019 -28.32 -15.96 -29.11
C THR A 1019 -28.27 -17.12 -30.10
N GLN A 1020 -27.11 -17.31 -30.70
CA GLN A 1020 -26.89 -18.41 -31.64
C GLN A 1020 -26.86 -19.76 -30.92
N GLY A 1021 -26.99 -20.84 -31.69
CA GLY A 1021 -27.07 -22.18 -31.16
C GLY A 1021 -28.45 -22.79 -31.35
N LEU A 1022 -28.50 -24.12 -31.35
CA LEU A 1022 -29.64 -24.84 -31.93
C LEU A 1022 -30.93 -24.79 -31.13
N LYS A 1023 -30.86 -24.98 -29.82
CA LYS A 1023 -32.05 -25.12 -28.99
C LYS A 1023 -32.94 -26.28 -29.50
N PRO A 1024 -32.46 -27.52 -29.36
CA PRO A 1024 -33.21 -28.72 -29.78
C PRO A 1024 -34.62 -28.82 -29.19
N ASN A 1025 -35.53 -29.46 -29.90
CA ASN A 1025 -36.91 -29.62 -29.45
C ASN A 1025 -37.13 -30.91 -28.66
N MET A 1026 -36.15 -31.80 -28.66
CA MET A 1026 -36.30 -33.11 -28.02
C MET A 1026 -35.83 -33.10 -26.57
N LEU A 1027 -36.72 -33.56 -25.70
CA LEU A 1027 -36.48 -33.54 -24.25
C LEU A 1027 -35.39 -34.49 -23.81
N GLU A 1028 -35.52 -35.77 -24.16
CA GLU A 1028 -34.72 -36.83 -23.55
C GLU A 1028 -33.22 -36.59 -23.73
N GLY A 1029 -32.51 -36.56 -22.62
CA GLY A 1029 -31.07 -36.42 -22.65
C GLY A 1029 -30.34 -37.76 -22.65
N ASN A 1030 -29.22 -37.79 -23.36
CA ASN A 1030 -28.19 -38.80 -23.18
C ASN A 1030 -26.91 -38.01 -23.01
N VAL A 1031 -25.79 -38.67 -22.75
CA VAL A 1031 -24.51 -37.96 -22.77
C VAL A 1031 -23.42 -38.83 -23.38
N GLN A 1032 -22.81 -38.33 -24.43
CA GLN A 1032 -21.72 -39.03 -25.11
C GLN A 1032 -20.41 -38.32 -24.87
N PHE A 1033 -19.52 -38.96 -24.12
CA PHE A 1033 -18.13 -38.54 -24.04
C PHE A 1033 -17.33 -39.47 -24.95
N SER A 1034 -16.58 -38.89 -25.88
CA SER A 1034 -15.81 -39.68 -26.83
C SER A 1034 -14.39 -39.14 -26.99
N GLY A 1035 -13.42 -39.98 -26.67
CA GLY A 1035 -12.01 -39.70 -26.90
C GLY A 1035 -11.57 -38.31 -26.46
N VAL A 1036 -12.09 -37.87 -25.32
CA VAL A 1036 -11.81 -36.53 -24.82
C VAL A 1036 -10.43 -36.41 -24.21
N VAL A 1037 -9.76 -35.32 -24.56
CA VAL A 1037 -8.48 -34.96 -23.96
C VAL A 1037 -8.60 -33.54 -23.40
N PHE A 1038 -8.28 -33.37 -22.11
CA PHE A 1038 -8.39 -32.06 -21.48
C PHE A 1038 -7.20 -31.71 -20.60
N ASN A 1039 -6.62 -30.55 -20.86
CA ASN A 1039 -5.66 -29.92 -19.96
C ASN A 1039 -6.19 -28.56 -19.54
N TYR A 1040 -6.16 -28.27 -18.24
CA TYR A 1040 -6.66 -27.00 -17.76
C TYR A 1040 -5.78 -25.85 -18.26
N PRO A 1041 -6.40 -24.78 -18.78
CA PRO A 1041 -5.63 -23.65 -19.31
C PRO A 1041 -4.63 -23.07 -18.30
N THR A 1042 -4.95 -23.17 -17.02
CA THR A 1042 -4.07 -22.64 -15.98
C THR A 1042 -2.83 -23.50 -15.80
N ARG A 1043 -3.00 -24.82 -15.98
CA ARG A 1043 -1.92 -25.77 -15.76
C ARG A 1043 -1.81 -26.76 -16.92
N PRO A 1044 -1.31 -26.31 -18.08
CA PRO A 1044 -1.14 -27.18 -19.24
C PRO A 1044 0.12 -28.04 -19.12
N SER A 1045 0.23 -28.76 -18.00
CA SER A 1045 1.35 -29.65 -17.76
C SER A 1045 0.86 -31.08 -17.57
N ILE A 1046 0.25 -31.35 -16.42
CA ILE A 1046 -0.31 -32.67 -16.14
C ILE A 1046 -1.73 -32.74 -16.67
N PRO A 1047 -1.95 -33.58 -17.70
CA PRO A 1047 -3.32 -33.69 -18.25
C PRO A 1047 -4.26 -34.40 -17.29
N VAL A 1048 -5.46 -33.86 -17.11
CA VAL A 1048 -6.46 -34.50 -16.26
C VAL A 1048 -7.17 -35.61 -17.04
N LEU A 1049 -7.51 -35.33 -18.29
CA LEU A 1049 -8.24 -36.27 -19.14
C LEU A 1049 -7.44 -36.59 -20.40
N GLN A 1050 -7.32 -37.87 -20.71
CA GLN A 1050 -6.75 -38.35 -21.95
C GLN A 1050 -7.66 -39.43 -22.50
N GLY A 1051 -8.27 -39.17 -23.64
CA GLY A 1051 -9.12 -40.16 -24.30
C GLY A 1051 -10.18 -40.74 -23.39
N LEU A 1052 -10.91 -39.86 -22.71
CA LEU A 1052 -12.02 -40.30 -21.87
C LEU A 1052 -13.24 -40.54 -22.73
N SER A 1053 -13.92 -41.66 -22.51
CA SER A 1053 -15.15 -41.95 -23.24
C SER A 1053 -16.25 -42.54 -22.34
N LEU A 1054 -17.41 -41.89 -22.32
CA LEU A 1054 -18.55 -42.32 -21.50
C LEU A 1054 -19.84 -42.33 -22.31
N GLU A 1055 -20.77 -43.19 -21.92
CA GLU A 1055 -22.12 -43.11 -22.45
C GLU A 1055 -23.14 -43.46 -21.36
N VAL A 1056 -24.16 -42.62 -21.24
CA VAL A 1056 -25.23 -42.82 -20.26
C VAL A 1056 -26.59 -42.49 -20.90
N LYS A 1057 -27.51 -43.45 -20.84
CA LYS A 1057 -28.85 -43.26 -21.40
C LYS A 1057 -29.71 -42.37 -20.51
N LYS A 1058 -30.94 -42.10 -20.93
CA LYS A 1058 -31.85 -41.26 -20.14
C LYS A 1058 -32.38 -42.02 -18.93
N GLY A 1059 -32.83 -41.27 -17.94
CA GLY A 1059 -33.51 -41.84 -16.79
C GLY A 1059 -32.74 -42.90 -16.04
N GLN A 1060 -31.41 -42.86 -16.15
CA GLN A 1060 -30.57 -43.80 -15.42
C GLN A 1060 -29.33 -43.09 -14.86
N THR A 1061 -28.88 -43.57 -13.71
CA THR A 1061 -27.78 -42.95 -12.96
C THR A 1061 -26.42 -43.45 -13.41
N LEU A 1062 -25.53 -42.52 -13.74
CA LEU A 1062 -24.14 -42.84 -14.06
C LEU A 1062 -23.24 -42.52 -12.89
N ALA A 1063 -22.75 -43.57 -12.24
CA ALA A 1063 -21.83 -43.39 -11.13
C ALA A 1063 -20.41 -43.30 -11.66
N LEU A 1064 -19.65 -42.34 -11.12
CA LEU A 1064 -18.29 -42.11 -11.60
C LEU A 1064 -17.28 -42.18 -10.45
N VAL A 1065 -16.42 -43.20 -10.49
CA VAL A 1065 -15.40 -43.40 -9.47
C VAL A 1065 -14.03 -43.10 -10.07
N GLY A 1066 -13.10 -42.63 -9.24
CA GLY A 1066 -11.76 -42.35 -9.71
C GLY A 1066 -10.74 -42.46 -8.61
N SER A 1067 -9.48 -42.67 -8.98
CA SER A 1067 -8.40 -42.72 -8.02
C SER A 1067 -8.34 -41.42 -7.23
N SER A 1068 -8.31 -40.31 -7.96
CA SER A 1068 -8.32 -38.97 -7.38
C SER A 1068 -8.29 -37.91 -8.47
N GLY A 1069 -8.44 -36.65 -8.07
CA GLY A 1069 -8.29 -35.52 -8.97
C GLY A 1069 -9.61 -34.92 -9.44
N CYS A 1070 -9.49 -33.91 -10.29
CA CYS A 1070 -10.65 -33.21 -10.84
C CYS A 1070 -11.23 -33.95 -12.03
N GLY A 1071 -10.59 -35.06 -12.40
CA GLY A 1071 -11.05 -35.86 -13.53
C GLY A 1071 -12.52 -36.21 -13.40
N LYS A 1072 -12.93 -36.54 -12.18
CA LYS A 1072 -14.32 -36.87 -11.91
C LYS A 1072 -15.20 -35.63 -12.06
N SER A 1073 -14.67 -34.48 -11.65
CA SER A 1073 -15.41 -33.22 -11.73
C SER A 1073 -15.36 -32.61 -13.14
N THR A 1074 -14.24 -32.80 -13.82
CA THR A 1074 -14.03 -32.19 -15.13
C THR A 1074 -15.12 -32.64 -16.10
N VAL A 1075 -15.65 -33.83 -15.89
CA VAL A 1075 -16.81 -34.30 -16.64
C VAL A 1075 -17.94 -33.30 -16.47
N VAL A 1076 -18.28 -33.03 -15.22
CA VAL A 1076 -19.36 -32.12 -14.89
C VAL A 1076 -19.05 -30.72 -15.38
N GLN A 1077 -17.78 -30.33 -15.30
CA GLN A 1077 -17.36 -29.02 -15.79
C GLN A 1077 -17.47 -28.91 -17.31
N LEU A 1078 -17.15 -30.00 -18.00
CA LEU A 1078 -17.17 -30.01 -19.46
C LEU A 1078 -18.58 -30.15 -20.00
N LEU A 1079 -19.45 -30.88 -19.29
CA LEU A 1079 -20.84 -30.98 -19.71
C LEU A 1079 -21.53 -29.63 -19.56
N GLU A 1080 -21.21 -28.89 -18.50
CA GLU A 1080 -21.66 -27.51 -18.35
C GLU A 1080 -20.98 -26.61 -19.38
N ARG A 1081 -19.94 -27.15 -20.01
CA ARG A 1081 -19.18 -26.47 -21.04
C ARG A 1081 -18.52 -25.19 -20.52
N PHE A 1082 -17.87 -25.27 -19.36
CA PHE A 1082 -17.01 -24.20 -18.88
C PHE A 1082 -15.79 -24.13 -19.79
N TYR A 1083 -15.41 -25.29 -20.31
CA TYR A 1083 -14.30 -25.41 -21.25
C TYR A 1083 -14.69 -26.29 -22.43
N ASP A 1084 -14.06 -26.04 -23.57
CA ASP A 1084 -14.10 -26.97 -24.69
C ASP A 1084 -12.81 -27.78 -24.65
N PRO A 1085 -12.91 -29.12 -24.65
CA PRO A 1085 -11.71 -29.95 -24.52
C PRO A 1085 -10.70 -29.73 -25.65
N MET A 1086 -9.45 -30.07 -25.40
CA MET A 1086 -8.39 -29.89 -26.41
C MET A 1086 -8.68 -30.72 -27.66
N ALA A 1087 -8.93 -32.01 -27.46
CA ALA A 1087 -9.33 -32.90 -28.53
C ALA A 1087 -10.45 -33.81 -28.05
N GLY A 1088 -11.12 -34.46 -29.00
CA GLY A 1088 -12.29 -35.26 -28.70
C GLY A 1088 -13.52 -34.38 -28.75
N SER A 1089 -14.67 -34.95 -28.41
CA SER A 1089 -15.92 -34.21 -28.48
C SER A 1089 -16.94 -34.81 -27.52
N VAL A 1090 -17.99 -34.05 -27.24
CA VAL A 1090 -19.04 -34.51 -26.34
C VAL A 1090 -20.43 -34.14 -26.88
N PHE A 1091 -21.36 -35.08 -26.78
CA PHE A 1091 -22.73 -34.91 -27.28
C PHE A 1091 -23.72 -35.13 -26.16
N LEU A 1092 -24.97 -34.68 -26.36
CA LEU A 1092 -26.03 -34.95 -25.40
C LEU A 1092 -27.14 -35.80 -26.04
N ASP A 1093 -27.92 -35.21 -26.94
CA ASP A 1093 -28.96 -35.97 -27.63
C ASP A 1093 -28.38 -36.57 -28.90
N GLY A 1094 -27.05 -36.44 -29.04
CA GLY A 1094 -26.36 -36.83 -30.25
C GLY A 1094 -25.84 -35.63 -31.00
N LYS A 1095 -26.31 -34.45 -30.63
CA LYS A 1095 -25.77 -33.21 -31.17
C LYS A 1095 -24.49 -32.90 -30.43
N GLU A 1096 -23.53 -32.29 -31.12
CA GLU A 1096 -22.31 -31.84 -30.45
C GLU A 1096 -22.58 -30.53 -29.70
N ILE A 1097 -22.34 -30.54 -28.40
CA ILE A 1097 -22.64 -29.38 -27.56
C ILE A 1097 -21.86 -28.15 -28.01
N LYS A 1098 -20.72 -28.39 -28.63
CA LYS A 1098 -19.84 -27.31 -29.11
C LYS A 1098 -20.55 -26.44 -30.15
N GLN A 1099 -21.41 -27.04 -30.95
CA GLN A 1099 -22.21 -26.29 -31.92
C GLN A 1099 -23.56 -25.88 -31.33
N LEU A 1100 -23.85 -26.40 -30.14
CA LEU A 1100 -25.10 -26.14 -29.44
C LEU A 1100 -25.12 -24.74 -28.79
N ASN A 1101 -26.31 -24.22 -28.49
CA ASN A 1101 -26.42 -22.99 -27.71
C ASN A 1101 -25.93 -23.22 -26.29
N VAL A 1102 -25.05 -22.35 -25.82
CA VAL A 1102 -24.45 -22.49 -24.50
C VAL A 1102 -25.50 -22.34 -23.39
N GLN A 1103 -26.32 -21.30 -23.49
CA GLN A 1103 -27.31 -21.03 -22.45
C GLN A 1103 -28.31 -22.18 -22.39
N TRP A 1104 -28.86 -22.53 -23.55
CA TRP A 1104 -29.81 -23.63 -23.64
C TRP A 1104 -29.21 -24.90 -23.11
N LEU A 1105 -27.92 -25.11 -23.39
CA LEU A 1105 -27.22 -26.28 -22.87
C LEU A 1105 -27.23 -26.26 -21.36
N ARG A 1106 -26.72 -25.18 -20.78
CA ARG A 1106 -26.62 -25.06 -19.34
C ARG A 1106 -28.00 -25.03 -18.68
N ALA A 1107 -29.01 -24.65 -19.46
CA ALA A 1107 -30.38 -24.59 -18.94
C ALA A 1107 -30.97 -25.96 -18.62
N GLN A 1108 -30.43 -27.00 -19.26
CA GLN A 1108 -30.96 -28.37 -19.09
C GLN A 1108 -30.24 -29.18 -18.01
N LEU A 1109 -29.29 -28.54 -17.32
CA LEU A 1109 -28.42 -29.23 -16.36
C LEU A 1109 -28.75 -28.92 -14.91
N GLY A 1110 -28.62 -29.95 -14.07
CA GLY A 1110 -29.08 -29.95 -12.69
C GLY A 1110 -28.01 -29.76 -11.64
N ILE A 1111 -26.91 -29.08 -11.98
CA ILE A 1111 -25.69 -29.06 -11.16
C ILE A 1111 -25.88 -28.78 -9.67
N VAL A 1112 -25.23 -29.61 -8.85
CA VAL A 1112 -25.18 -29.45 -7.40
C VAL A 1112 -23.75 -29.70 -6.92
N SER A 1113 -23.13 -28.71 -6.30
CA SER A 1113 -21.71 -28.78 -5.95
C SER A 1113 -21.48 -29.25 -4.51
N GLN A 1114 -20.23 -29.13 -4.05
CA GLN A 1114 -19.85 -29.53 -2.71
C GLN A 1114 -20.37 -28.57 -1.65
N GLU A 1115 -19.92 -27.32 -1.73
CA GLU A 1115 -20.27 -26.30 -0.74
C GLU A 1115 -21.05 -25.19 -1.44
N PRO A 1116 -22.39 -25.35 -1.50
CA PRO A 1116 -23.21 -24.43 -2.30
C PRO A 1116 -23.19 -23.02 -1.75
N ILE A 1117 -22.98 -22.04 -2.62
CA ILE A 1117 -22.97 -20.64 -2.22
C ILE A 1117 -24.35 -20.03 -2.46
N LEU A 1118 -24.91 -19.45 -1.40
CA LEU A 1118 -26.20 -18.77 -1.47
C LEU A 1118 -25.99 -17.27 -1.29
N PHE A 1119 -26.54 -16.49 -2.21
CA PHE A 1119 -26.42 -15.03 -2.14
C PHE A 1119 -27.34 -14.49 -1.06
N ASP A 1120 -27.09 -13.27 -0.59
CA ASP A 1120 -27.95 -12.73 0.46
C ASP A 1120 -29.25 -12.22 -0.14
N CYS A 1121 -30.33 -12.90 0.24
CA CYS A 1121 -31.68 -12.59 -0.21
C CYS A 1121 -32.59 -13.70 0.31
N SER A 1122 -33.90 -13.56 0.11
CA SER A 1122 -34.85 -14.57 0.55
C SER A 1122 -34.46 -15.94 0.05
N ILE A 1123 -34.58 -16.96 0.90
CA ILE A 1123 -34.27 -18.33 0.50
C ILE A 1123 -35.12 -18.71 -0.71
N ALA A 1124 -36.33 -18.15 -0.77
CA ALA A 1124 -37.21 -18.35 -1.91
C ALA A 1124 -36.57 -17.78 -3.17
N GLU A 1125 -35.81 -16.71 -3.00
CA GLU A 1125 -35.11 -16.09 -4.13
C GLU A 1125 -33.85 -16.88 -4.47
N ASN A 1126 -33.31 -17.61 -3.50
CA ASN A 1126 -32.19 -18.51 -3.74
C ASN A 1126 -32.66 -19.80 -4.42
N ILE A 1127 -33.87 -20.23 -4.09
CA ILE A 1127 -34.49 -21.37 -4.75
C ILE A 1127 -34.98 -20.95 -6.13
N ALA A 1128 -35.53 -19.75 -6.22
CA ALA A 1128 -36.04 -19.24 -7.50
C ALA A 1128 -34.89 -18.89 -8.44
N TYR A 1129 -33.67 -18.95 -7.92
CA TYR A 1129 -32.48 -18.74 -8.72
C TYR A 1129 -32.24 -19.89 -9.71
N GLY A 1130 -32.94 -21.00 -9.49
CA GLY A 1130 -32.82 -22.18 -10.33
C GLY A 1130 -33.30 -21.93 -11.75
N ASP A 1131 -34.26 -21.02 -11.89
CA ASP A 1131 -34.86 -20.71 -13.18
C ASP A 1131 -34.92 -19.21 -13.38
N ASN A 1132 -34.26 -18.74 -14.44
CA ASN A 1132 -34.25 -17.31 -14.77
C ASN A 1132 -34.99 -17.06 -16.08
N SER A 1133 -35.09 -15.80 -16.48
CA SER A 1133 -35.91 -15.39 -17.63
C SER A 1133 -37.41 -15.59 -17.35
N ARG A 1134 -37.72 -16.16 -16.19
CA ARG A 1134 -39.10 -16.35 -15.76
C ARG A 1134 -39.14 -16.31 -14.23
N VAL A 1135 -40.21 -15.75 -13.68
CA VAL A 1135 -40.39 -15.71 -12.24
C VAL A 1135 -41.07 -16.99 -11.76
N VAL A 1136 -40.51 -17.62 -10.73
CA VAL A 1136 -40.99 -18.92 -10.26
C VAL A 1136 -42.21 -18.76 -9.35
N SER A 1137 -43.15 -19.69 -9.43
CA SER A 1137 -44.35 -19.65 -8.60
C SER A 1137 -44.03 -20.07 -7.17
N TYR A 1138 -44.88 -19.64 -6.24
CA TYR A 1138 -44.71 -20.00 -4.84
C TYR A 1138 -44.90 -21.50 -4.65
N GLU A 1139 -46.02 -22.01 -5.13
CA GLU A 1139 -46.31 -23.45 -5.03
C GLU A 1139 -45.23 -24.28 -5.73
N GLU A 1140 -44.55 -23.67 -6.70
CA GLU A 1140 -43.49 -24.34 -7.43
C GLU A 1140 -42.25 -24.50 -6.57
N ILE A 1141 -41.80 -23.41 -5.95
CA ILE A 1141 -40.66 -23.46 -5.04
C ILE A 1141 -41.02 -24.23 -3.77
N VAL A 1142 -42.30 -24.26 -3.45
CA VAL A 1142 -42.81 -25.12 -2.38
C VAL A 1142 -42.60 -26.56 -2.78
N ARG A 1143 -43.10 -26.94 -3.95
CA ARG A 1143 -42.93 -28.29 -4.46
C ARG A 1143 -41.45 -28.68 -4.49
N ALA A 1144 -40.61 -27.77 -4.98
CA ALA A 1144 -39.16 -28.01 -5.02
C ALA A 1144 -38.59 -28.13 -3.61
N ALA A 1145 -39.12 -27.32 -2.69
CA ALA A 1145 -38.70 -27.42 -1.30
C ALA A 1145 -39.19 -28.73 -0.66
N LYS A 1146 -40.33 -29.21 -1.13
CA LYS A 1146 -40.90 -30.45 -0.63
C LYS A 1146 -40.10 -31.64 -1.15
N GLU A 1147 -39.67 -31.53 -2.40
CA GLU A 1147 -38.88 -32.58 -3.03
C GLU A 1147 -37.50 -32.70 -2.38
N ALA A 1148 -37.00 -31.59 -1.85
CA ALA A 1148 -35.66 -31.54 -1.28
C ALA A 1148 -35.63 -31.85 0.22
N ASN A 1149 -36.82 -32.05 0.80
CA ASN A 1149 -36.97 -32.36 2.22
C ASN A 1149 -36.42 -31.26 3.14
N ILE A 1150 -36.38 -30.03 2.64
CA ILE A 1150 -35.93 -28.88 3.43
C ILE A 1150 -37.13 -28.22 4.12
N HIS A 1151 -38.33 -28.64 3.75
CA HIS A 1151 -39.56 -27.99 4.22
C HIS A 1151 -39.66 -27.96 5.75
N GLN A 1152 -38.96 -28.86 6.42
CA GLN A 1152 -38.97 -28.91 7.89
C GLN A 1152 -38.43 -27.60 8.46
N PHE A 1153 -37.40 -27.07 7.82
CA PHE A 1153 -36.79 -25.81 8.25
C PHE A 1153 -37.63 -24.62 7.84
N ILE A 1154 -38.08 -24.61 6.59
CA ILE A 1154 -38.71 -23.44 6.01
C ILE A 1154 -40.01 -23.09 6.72
N ASP A 1155 -40.77 -24.11 7.13
CA ASP A 1155 -42.02 -23.88 7.84
C ASP A 1155 -41.74 -23.57 9.31
N SER A 1156 -40.55 -23.95 9.78
CA SER A 1156 -40.18 -23.76 11.18
C SER A 1156 -39.72 -22.33 11.47
N LEU A 1157 -39.09 -21.69 10.49
CA LEU A 1157 -38.58 -20.34 10.69
C LEU A 1157 -39.71 -19.33 10.91
N PRO A 1158 -39.42 -18.24 11.63
CA PRO A 1158 -40.43 -17.19 11.83
C PRO A 1158 -40.80 -16.48 10.53
N ASP A 1159 -39.80 -16.20 9.70
CA ASP A 1159 -40.01 -15.50 8.45
C ASP A 1159 -40.42 -16.45 7.32
N LYS A 1160 -40.22 -17.74 7.56
CA LYS A 1160 -40.48 -18.77 6.56
C LYS A 1160 -39.72 -18.45 5.27
N TYR A 1161 -40.37 -18.62 4.12
CA TYR A 1161 -39.69 -18.52 2.82
C TYR A 1161 -39.07 -17.15 2.57
N ASN A 1162 -39.46 -16.15 3.36
CA ASN A 1162 -38.94 -14.80 3.20
C ASN A 1162 -37.73 -14.53 4.08
N THR A 1163 -37.30 -15.55 4.84
CA THR A 1163 -36.13 -15.41 5.69
C THR A 1163 -34.89 -15.14 4.85
N ARG A 1164 -33.96 -14.37 5.39
CA ARG A 1164 -32.73 -14.04 4.68
C ARG A 1164 -31.60 -14.97 5.10
N VAL A 1165 -30.79 -15.40 4.13
CA VAL A 1165 -29.70 -16.34 4.35
C VAL A 1165 -28.46 -15.78 3.63
N GLY A 1166 -27.28 -16.33 3.90
CA GLY A 1166 -26.05 -15.82 3.31
C GLY A 1166 -25.21 -15.00 4.26
N ASP A 1167 -25.49 -15.15 5.56
CA ASP A 1167 -24.66 -14.63 6.65
C ASP A 1167 -24.91 -13.16 6.95
N LYS A 1168 -25.60 -12.45 6.06
CA LYS A 1168 -25.97 -11.07 6.38
C LYS A 1168 -27.06 -11.06 7.44
N GLY A 1169 -28.15 -11.77 7.17
CA GLY A 1169 -29.27 -11.83 8.10
C GLY A 1169 -29.45 -13.11 8.93
N THR A 1170 -28.82 -14.21 8.52
CA THR A 1170 -29.02 -15.49 9.21
C THR A 1170 -27.88 -16.47 8.96
N GLN A 1171 -27.77 -17.48 9.83
CA GLN A 1171 -26.81 -18.56 9.68
C GLN A 1171 -27.51 -19.93 9.62
N LEU A 1172 -27.03 -20.78 8.72
CA LEU A 1172 -27.52 -22.16 8.59
C LEU A 1172 -26.34 -23.11 8.45
N SER A 1173 -26.57 -24.39 8.70
CA SER A 1173 -25.53 -25.40 8.55
C SER A 1173 -25.46 -25.89 7.11
N GLY A 1174 -24.56 -26.80 6.84
CA GLY A 1174 -24.35 -27.30 5.49
C GLY A 1174 -25.53 -28.07 4.95
N GLY A 1175 -26.23 -28.78 5.83
CA GLY A 1175 -27.37 -29.60 5.44
C GLY A 1175 -28.46 -28.78 4.78
N GLN A 1176 -28.92 -27.74 5.49
CA GLN A 1176 -29.96 -26.87 4.98
C GLN A 1176 -29.54 -26.26 3.65
N LYS A 1177 -28.35 -25.66 3.64
CA LYS A 1177 -27.79 -25.06 2.42
C LYS A 1177 -27.82 -26.03 1.25
N GLN A 1178 -27.31 -27.24 1.49
CA GLN A 1178 -27.31 -28.26 0.45
C GLN A 1178 -28.72 -28.56 -0.01
N ARG A 1179 -29.63 -28.83 0.92
CA ARG A 1179 -31.01 -29.11 0.54
C ARG A 1179 -31.58 -27.98 -0.31
N ILE A 1180 -31.25 -26.74 0.03
CA ILE A 1180 -31.66 -25.60 -0.78
C ILE A 1180 -31.06 -25.72 -2.18
N ALA A 1181 -29.76 -26.02 -2.24
CA ALA A 1181 -29.11 -26.22 -3.54
C ALA A 1181 -29.87 -27.29 -4.33
N ILE A 1182 -30.23 -28.39 -3.68
CA ILE A 1182 -31.01 -29.43 -4.32
C ILE A 1182 -32.33 -28.84 -4.84
N ALA A 1183 -33.00 -28.07 -4.00
CA ALA A 1183 -34.27 -27.45 -4.38
C ALA A 1183 -34.13 -26.62 -5.66
N ARG A 1184 -33.15 -25.71 -5.68
CA ARG A 1184 -32.93 -24.88 -6.87
C ARG A 1184 -32.48 -25.73 -8.04
N ALA A 1185 -31.81 -26.84 -7.76
CA ALA A 1185 -31.45 -27.77 -8.81
C ALA A 1185 -32.69 -28.36 -9.47
N LEU A 1186 -33.61 -28.89 -8.67
CA LEU A 1186 -34.77 -29.59 -9.25
C LEU A 1186 -36.02 -28.71 -9.44
N VAL A 1187 -35.98 -27.44 -9.05
CA VAL A 1187 -37.04 -26.51 -9.43
C VAL A 1187 -36.91 -26.17 -10.91
N ARG A 1188 -35.68 -26.29 -11.41
CA ARG A 1188 -35.36 -26.09 -12.82
C ARG A 1188 -35.94 -27.21 -13.69
N GLN A 1189 -36.30 -28.32 -13.04
CA GLN A 1189 -36.78 -29.52 -13.73
C GLN A 1189 -35.80 -29.94 -14.82
N PRO A 1190 -34.53 -30.20 -14.44
CA PRO A 1190 -33.54 -30.57 -15.45
C PRO A 1190 -33.70 -32.03 -15.89
N HIS A 1191 -33.27 -32.34 -17.12
CA HIS A 1191 -33.23 -33.72 -17.58
C HIS A 1191 -31.91 -34.37 -17.17
N ILE A 1192 -30.96 -33.53 -16.74
CA ILE A 1192 -29.65 -34.00 -16.31
C ILE A 1192 -29.28 -33.43 -14.94
N LEU A 1193 -29.19 -34.30 -13.94
CA LEU A 1193 -28.71 -33.91 -12.62
C LEU A 1193 -27.22 -34.18 -12.54
N LEU A 1194 -26.47 -33.23 -11.98
CA LEU A 1194 -25.05 -33.40 -11.78
C LEU A 1194 -24.71 -33.12 -10.33
N LEU A 1195 -24.34 -34.17 -9.61
CA LEU A 1195 -24.04 -34.09 -8.19
C LEU A 1195 -22.54 -34.22 -7.98
N ASP A 1196 -21.90 -33.12 -7.62
CA ASP A 1196 -20.45 -33.12 -7.45
C ASP A 1196 -20.14 -33.20 -5.96
N GLU A 1197 -19.74 -34.39 -5.53
CA GLU A 1197 -19.31 -34.65 -4.15
C GLU A 1197 -20.21 -33.92 -3.15
N ALA A 1198 -21.52 -34.01 -3.38
CA ALA A 1198 -22.51 -33.26 -2.61
C ALA A 1198 -22.36 -33.49 -1.10
N THR A 1199 -21.97 -34.69 -0.73
CA THR A 1199 -21.85 -35.07 0.68
C THR A 1199 -20.45 -34.84 1.23
N SER A 1200 -19.60 -34.20 0.43
CA SER A 1200 -18.20 -33.96 0.81
C SER A 1200 -18.05 -33.45 2.24
N ALA A 1201 -18.50 -32.23 2.50
CA ALA A 1201 -18.51 -31.69 3.84
C ALA A 1201 -19.87 -31.93 4.47
N LEU A 1202 -19.91 -32.83 5.45
CA LEU A 1202 -21.17 -33.25 6.08
C LEU A 1202 -20.85 -34.31 7.13
N ASP A 1203 -21.84 -34.65 7.96
CA ASP A 1203 -21.64 -35.67 8.99
C ASP A 1203 -22.93 -36.31 9.49
N THR A 1204 -22.79 -37.48 10.12
CA THR A 1204 -23.87 -38.19 10.81
C THR A 1204 -25.18 -38.24 10.00
N GLU A 1205 -26.30 -37.95 10.65
CA GLU A 1205 -27.62 -38.09 10.01
C GLU A 1205 -27.81 -37.16 8.82
N SER A 1206 -27.07 -36.05 8.81
CA SER A 1206 -27.17 -35.09 7.73
C SER A 1206 -26.88 -35.76 6.39
N GLU A 1207 -25.81 -36.55 6.35
CA GLU A 1207 -25.48 -37.32 5.16
C GLU A 1207 -26.64 -38.21 4.77
N LYS A 1208 -27.27 -38.83 5.77
CA LYS A 1208 -28.37 -39.75 5.53
C LYS A 1208 -29.54 -39.04 4.87
N VAL A 1209 -29.99 -37.94 5.47
CA VAL A 1209 -31.14 -37.22 4.96
C VAL A 1209 -30.84 -36.57 3.60
N VAL A 1210 -29.65 -35.98 3.46
CA VAL A 1210 -29.28 -35.35 2.20
C VAL A 1210 -29.16 -36.41 1.10
N GLN A 1211 -28.57 -37.55 1.43
CA GLN A 1211 -28.47 -38.65 0.49
C GLN A 1211 -29.86 -39.16 0.13
N GLU A 1212 -30.75 -39.20 1.12
CA GLU A 1212 -32.15 -39.56 0.86
C GLU A 1212 -32.75 -38.60 -0.16
N ALA A 1213 -32.57 -37.30 0.08
CA ALA A 1213 -33.06 -36.29 -0.84
C ALA A 1213 -32.50 -36.47 -2.25
N LEU A 1214 -31.18 -36.54 -2.36
CA LEU A 1214 -30.52 -36.73 -3.65
C LEU A 1214 -31.00 -38.00 -4.34
N ASP A 1215 -31.14 -39.08 -3.57
CA ASP A 1215 -31.61 -40.34 -4.11
C ASP A 1215 -33.03 -40.18 -4.64
N LYS A 1216 -33.86 -39.46 -3.90
CA LYS A 1216 -35.21 -39.17 -4.36
C LYS A 1216 -35.19 -38.23 -5.57
N ALA A 1217 -34.18 -37.36 -5.64
CA ALA A 1217 -34.07 -36.40 -6.74
C ALA A 1217 -33.79 -37.07 -8.07
N ARG A 1218 -33.03 -38.16 -8.04
CA ARG A 1218 -32.65 -38.88 -9.26
C ARG A 1218 -33.66 -40.01 -9.57
N GLU A 1219 -33.28 -40.89 -10.50
CA GLU A 1219 -34.07 -42.07 -10.88
C GLU A 1219 -35.22 -41.70 -11.81
N GLY A 1220 -35.55 -40.42 -11.88
CA GLY A 1220 -36.49 -39.91 -12.85
C GLY A 1220 -35.78 -39.19 -13.98
N ARG A 1221 -34.48 -39.00 -13.82
CA ARG A 1221 -33.69 -38.18 -14.74
C ARG A 1221 -32.38 -38.84 -15.13
N THR A 1222 -31.76 -38.32 -16.19
CA THR A 1222 -30.37 -38.65 -16.47
C THR A 1222 -29.57 -38.09 -15.31
N CYS A 1223 -28.58 -38.84 -14.84
CA CYS A 1223 -27.78 -38.41 -13.71
C CYS A 1223 -26.32 -38.82 -13.83
N ILE A 1224 -25.43 -37.97 -13.33
CA ILE A 1224 -24.01 -38.31 -13.20
C ILE A 1224 -23.56 -37.99 -11.78
N VAL A 1225 -23.24 -39.03 -11.02
CA VAL A 1225 -22.92 -38.88 -9.60
C VAL A 1225 -21.49 -39.32 -9.32
N ILE A 1226 -20.66 -38.35 -8.90
CA ILE A 1226 -19.26 -38.59 -8.58
C ILE A 1226 -18.98 -38.76 -7.08
N ALA A 1227 -20.04 -38.84 -6.27
CA ALA A 1227 -19.92 -38.78 -4.81
C ALA A 1227 -18.94 -39.82 -4.26
N HIS A 1228 -18.27 -39.45 -3.17
CA HIS A 1228 -17.17 -40.24 -2.62
C HIS A 1228 -17.61 -41.40 -1.73
N ARG A 1229 -18.90 -41.48 -1.43
CA ARG A 1229 -19.42 -42.61 -0.67
C ARG A 1229 -19.85 -43.69 -1.63
N LEU A 1230 -19.10 -44.78 -1.68
CA LEU A 1230 -19.34 -45.83 -2.64
C LEU A 1230 -20.44 -46.76 -2.15
N SER A 1231 -20.70 -46.75 -0.86
CA SER A 1231 -21.80 -47.51 -0.28
C SER A 1231 -23.12 -47.01 -0.85
N THR A 1232 -23.17 -45.72 -1.18
CA THR A 1232 -24.38 -45.11 -1.72
C THR A 1232 -24.47 -45.24 -3.23
N ILE A 1233 -23.36 -45.65 -3.85
CA ILE A 1233 -23.32 -45.89 -5.29
C ILE A 1233 -23.73 -47.33 -5.60
N GLN A 1234 -23.79 -48.16 -4.56
CA GLN A 1234 -24.11 -49.58 -4.72
C GLN A 1234 -25.37 -49.79 -5.55
N ASN A 1235 -26.28 -48.82 -5.50
CA ASN A 1235 -27.36 -48.77 -6.48
C ASN A 1235 -27.02 -47.69 -7.50
N ALA A 1236 -26.60 -48.15 -8.68
CA ALA A 1236 -26.32 -47.28 -9.80
C ALA A 1236 -26.48 -48.08 -11.08
N ASP A 1237 -26.93 -47.44 -12.14
CA ASP A 1237 -27.16 -48.16 -13.38
C ASP A 1237 -25.82 -48.46 -14.04
N LEU A 1238 -24.90 -47.51 -13.98
CA LEU A 1238 -23.54 -47.73 -14.50
C LEU A 1238 -22.50 -47.08 -13.60
N ILE A 1239 -21.51 -47.87 -13.19
CA ILE A 1239 -20.35 -47.36 -12.46
C ILE A 1239 -19.17 -47.35 -13.40
N VAL A 1240 -18.37 -46.29 -13.35
CA VAL A 1240 -17.22 -46.13 -14.24
C VAL A 1240 -15.98 -45.67 -13.49
N VAL A 1241 -14.96 -46.53 -13.46
CA VAL A 1241 -13.71 -46.22 -12.77
C VAL A 1241 -12.77 -45.46 -13.70
N ILE A 1242 -12.36 -44.26 -13.30
CA ILE A 1242 -11.48 -43.44 -14.12
C ILE A 1242 -10.03 -43.66 -13.73
N GLN A 1243 -9.17 -43.84 -14.74
CA GLN A 1243 -7.74 -44.03 -14.53
C GLN A 1243 -6.95 -43.18 -15.53
N ASN A 1244 -6.20 -42.21 -15.02
CA ASN A 1244 -5.29 -41.42 -15.85
C ASN A 1244 -5.99 -40.75 -17.02
N GLY A 1245 -7.29 -40.50 -16.87
CA GLY A 1245 -8.06 -39.86 -17.92
C GLY A 1245 -8.73 -40.84 -18.86
N LYS A 1246 -8.37 -42.12 -18.76
CA LYS A 1246 -9.06 -43.18 -19.52
C LYS A 1246 -10.01 -43.93 -18.60
N VAL A 1247 -11.19 -44.28 -19.10
CA VAL A 1247 -12.03 -45.22 -18.38
C VAL A 1247 -11.31 -46.55 -18.28
N LYS A 1248 -11.19 -47.07 -17.07
CA LYS A 1248 -10.46 -48.31 -16.82
C LYS A 1248 -11.42 -49.48 -16.66
N GLU A 1249 -12.25 -49.41 -15.63
CA GLU A 1249 -13.29 -50.40 -15.41
C GLU A 1249 -14.66 -49.74 -15.52
N HIS A 1250 -15.61 -50.45 -16.11
CA HIS A 1250 -16.98 -49.97 -16.13
C HIS A 1250 -17.95 -51.13 -16.16
N GLY A 1251 -19.09 -50.95 -15.48
CA GLY A 1251 -20.12 -51.96 -15.40
C GLY A 1251 -20.96 -51.78 -14.15
N THR A 1252 -22.01 -52.58 -14.01
CA THR A 1252 -22.86 -52.53 -12.83
C THR A 1252 -22.05 -52.99 -11.62
N HIS A 1253 -22.54 -52.66 -10.43
CA HIS A 1253 -21.84 -52.98 -9.19
C HIS A 1253 -21.42 -54.44 -9.11
N GLN A 1254 -22.38 -55.35 -9.24
CA GLN A 1254 -22.10 -56.78 -9.08
C GLN A 1254 -21.13 -57.29 -10.13
N GLN A 1255 -21.08 -56.62 -11.29
CA GLN A 1255 -20.16 -57.01 -12.35
C GLN A 1255 -18.73 -56.58 -12.00
N LEU A 1256 -18.59 -55.34 -11.54
CA LEU A 1256 -17.30 -54.84 -11.08
C LEU A 1256 -16.88 -55.57 -9.83
N LEU A 1257 -17.87 -56.08 -9.09
CA LEU A 1257 -17.61 -56.86 -7.89
C LEU A 1257 -17.21 -58.29 -8.25
N ALA A 1258 -17.84 -58.83 -9.30
CA ALA A 1258 -17.46 -60.14 -9.81
C ALA A 1258 -16.01 -60.11 -10.26
N GLN A 1259 -15.66 -59.05 -10.98
CA GLN A 1259 -14.28 -58.76 -11.34
C GLN A 1259 -13.52 -58.41 -10.07
N LYS A 1260 -12.22 -58.64 -10.07
CA LYS A 1260 -11.36 -58.25 -8.96
C LYS A 1260 -10.31 -57.28 -9.48
N GLY A 1261 -10.37 -56.03 -9.01
CA GLY A 1261 -9.60 -54.96 -9.61
C GLY A 1261 -9.75 -53.66 -8.84
N ILE A 1262 -9.48 -52.54 -9.51
CA ILE A 1262 -9.47 -51.24 -8.87
C ILE A 1262 -10.74 -51.00 -8.04
N TYR A 1263 -11.91 -51.11 -8.67
CA TYR A 1263 -13.17 -50.84 -7.98
C TYR A 1263 -13.31 -51.70 -6.72
N PHE A 1264 -12.95 -52.98 -6.84
CA PHE A 1264 -13.01 -53.90 -5.71
C PHE A 1264 -12.14 -53.38 -4.57
N SER A 1265 -10.98 -52.84 -4.91
CA SER A 1265 -10.10 -52.25 -3.90
C SER A 1265 -10.68 -50.96 -3.33
N MET A 1266 -11.19 -50.11 -4.21
CA MET A 1266 -11.85 -48.86 -3.80
C MET A 1266 -12.91 -49.15 -2.76
N VAL A 1267 -13.73 -50.15 -3.03
CA VAL A 1267 -14.79 -50.52 -2.11
C VAL A 1267 -14.23 -51.23 -0.88
N SER A 1268 -13.28 -52.14 -1.07
CA SER A 1268 -12.76 -52.92 0.05
C SER A 1268 -12.01 -52.07 1.08
N VAL A 1269 -11.31 -51.02 0.63
CA VAL A 1269 -10.54 -50.21 1.57
C VAL A 1269 -11.46 -49.39 2.48
N GLN A 1270 -12.47 -48.75 1.91
CA GLN A 1270 -13.37 -47.90 2.70
C GLN A 1270 -14.43 -48.74 3.43
N ALA A 1271 -14.87 -49.83 2.82
CA ALA A 1271 -15.82 -50.74 3.46
C ALA A 1271 -15.09 -51.57 4.50
N GLY A 1272 -15.73 -51.81 5.63
CA GLY A 1272 -15.10 -52.53 6.71
C GLY A 1272 -14.14 -51.65 7.49
N ALA A 1273 -13.86 -50.46 6.96
CA ALA A 1273 -13.09 -49.48 7.71
C ALA A 1273 -13.97 -49.00 8.87
N LYS A 1274 -15.27 -49.01 8.63
CA LYS A 1274 -16.26 -48.76 9.68
C LYS A 1274 -16.12 -49.85 10.75
N ARG A 1275 -15.81 -51.06 10.30
CA ARG A 1275 -15.58 -52.19 11.20
C ARG A 1275 -14.28 -52.01 11.96
N SER A 1276 -13.27 -51.48 11.28
CA SER A 1276 -11.99 -51.19 11.92
C SER A 1276 -12.17 -50.08 12.93
N LEU A 1277 -13.05 -49.14 12.61
CA LEU A 1277 -13.39 -48.04 13.53
C LEU A 1277 -14.04 -48.57 14.81
N GLU A 1278 -14.79 -49.66 14.72
CA GLU A 1278 -15.48 -50.21 15.89
C GLU A 1278 -14.49 -50.57 16.99
N ALA B 2 -7.82 29.87 -1.87
CA ALA B 2 -8.65 28.90 -2.59
C ALA B 2 -8.64 29.36 -4.01
N ALA B 4 -10.00 32.90 -4.89
CA ALA B 4 -10.46 34.29 -5.03
C ALA B 4 -9.36 35.21 -4.57
N ALA B 6 -7.66 34.43 -1.18
CA ALA B 6 -7.09 34.01 0.10
C ALA B 6 -6.23 32.80 -0.09
N ALA C 2 -3.68 41.39 -5.96
CA ALA C 2 -3.32 42.80 -6.14
C ALA C 2 -1.82 42.93 -6.14
N ALA C 4 0.35 41.31 -3.34
CA ALA C 4 1.03 40.63 -2.23
C ALA C 4 0.95 39.17 -2.51
N ALA C 6 -2.54 37.74 -3.03
CA ALA C 6 -3.97 37.47 -3.18
C ALA C 6 -4.43 37.88 -4.56
#